data_2HZB
#
_entry.id   2HZB
#
_cell.length_a   51.725
_cell.length_b   142.012
_cell.length_c   229.562
_cell.angle_alpha   90.00
_cell.angle_beta   90.00
_cell.angle_gamma   90.00
#
_symmetry.space_group_name_H-M   'P 21 21 21'
#
loop_
_entity.id
_entity.type
_entity.pdbx_description
1 polymer 'Hypothetical UPF0052 protein BH3568'
2 water water
#
_entity_poly.entity_id   1
_entity_poly.type   'polypeptide(L)'
_entity_poly.pdbx_seq_one_letter_code
;(MSE)KKKNVVVFGGGTGLSVLLRGLKTFPVSITAIVTVADDGGSSGRLRKELDIPPPGDVRNVLVALSEVEPLLEQLFQ
HRFENGNGLSGHSLGNLLLAG(MSE)TSITGDFARGISE(MSE)SKVLNVRGKVLPASNRSIILHGE(MSE)EDGTIVTG
ESSIPKAGKKIKRVFLTPKDTKPLREGLEAIRKADVIVIGPGSLYTSVLPNLLVPGICEAIKQSTARKVYICNV(MSE)T
QNGETDGYTASDHLQAI(MSE)DHCGVGIVDDILVHGEPISDTVKAKYAKEKAEPVIVDEHKLKALGVGTISDYFVLEQD
DVLRHNASKVSEAILEGKPRTSSSIQAAALEHHHHHH
;
_entity_poly.pdbx_strand_id   A,B,C,D
#
# COMPACT_ATOMS: atom_id res chain seq x y z
N LYS A 2 -39.39 -52.22 -18.75
CA LYS A 2 -39.00 -53.08 -17.58
C LYS A 2 -37.63 -52.72 -17.04
N LYS A 3 -37.60 -52.03 -15.90
CA LYS A 3 -36.36 -51.62 -15.28
C LYS A 3 -35.35 -52.77 -15.28
N LYS A 4 -34.16 -52.49 -15.78
CA LYS A 4 -33.09 -53.47 -15.80
C LYS A 4 -32.20 -53.12 -14.62
N ASN A 5 -31.89 -54.11 -13.78
CA ASN A 5 -31.05 -53.89 -12.60
C ASN A 5 -29.57 -53.80 -12.89
N VAL A 6 -28.96 -52.65 -12.59
CA VAL A 6 -27.54 -52.45 -12.83
C VAL A 6 -26.78 -52.21 -11.55
N VAL A 7 -25.60 -52.83 -11.44
CA VAL A 7 -24.76 -52.64 -10.27
C VAL A 7 -23.47 -52.03 -10.79
N VAL A 8 -22.99 -51.01 -10.11
CA VAL A 8 -21.78 -50.33 -10.55
C VAL A 8 -20.66 -50.25 -9.54
N PHE A 9 -19.48 -50.74 -9.96
CA PHE A 9 -18.31 -50.71 -9.12
C PHE A 9 -17.31 -49.73 -9.72
N GLY A 10 -17.34 -48.50 -9.22
CA GLY A 10 -16.42 -47.50 -9.73
C GLY A 10 -15.94 -46.59 -8.63
N GLY A 11 -15.34 -45.48 -9.00
CA GLY A 11 -14.86 -44.56 -8.01
C GLY A 11 -14.47 -43.21 -8.58
N GLY A 12 -14.43 -42.21 -7.71
CA GLY A 12 -14.05 -40.87 -8.10
C GLY A 12 -15.01 -40.15 -9.04
N THR A 13 -14.45 -39.17 -9.74
CA THR A 13 -15.17 -38.33 -10.67
C THR A 13 -15.81 -39.11 -11.81
N GLY A 14 -15.09 -40.10 -12.34
CA GLY A 14 -15.63 -40.89 -13.44
C GLY A 14 -16.96 -41.54 -13.10
N LEU A 15 -17.07 -42.05 -11.87
CA LEU A 15 -18.28 -42.71 -11.39
C LEU A 15 -19.45 -41.74 -11.28
N SER A 16 -19.18 -40.53 -10.79
CA SER A 16 -20.20 -39.50 -10.66
C SER A 16 -20.73 -39.12 -12.03
N VAL A 17 -19.80 -38.86 -12.95
CA VAL A 17 -20.16 -38.47 -14.31
C VAL A 17 -21.07 -39.50 -14.97
N LEU A 18 -20.67 -40.76 -14.95
CA LEU A 18 -21.48 -41.81 -15.57
C LEU A 18 -22.86 -41.89 -14.93
N LEU A 19 -22.88 -41.97 -13.60
CA LEU A 19 -24.12 -42.07 -12.85
C LEU A 19 -25.11 -40.96 -13.20
N ARG A 20 -24.58 -39.75 -13.30
CA ARG A 20 -25.42 -38.61 -13.59
C ARG A 20 -26.24 -38.89 -14.86
N GLY A 21 -25.65 -39.60 -15.81
CA GLY A 21 -26.35 -39.92 -17.03
C GLY A 21 -27.15 -41.22 -16.98
N LEU A 22 -26.54 -42.28 -16.49
CA LEU A 22 -27.18 -43.58 -16.41
C LEU A 22 -28.55 -43.55 -15.72
N LYS A 23 -28.68 -42.77 -14.64
CA LYS A 23 -29.94 -42.71 -13.91
C LYS A 23 -31.14 -42.28 -14.75
N THR A 24 -30.90 -41.66 -15.90
CA THR A 24 -32.02 -41.22 -16.73
C THR A 24 -32.59 -42.31 -17.62
N PHE A 25 -31.84 -43.41 -17.75
CA PHE A 25 -32.29 -44.54 -18.55
C PHE A 25 -33.27 -45.38 -17.73
N PRO A 26 -33.98 -46.31 -18.38
CA PRO A 26 -34.96 -47.19 -17.71
C PRO A 26 -34.26 -48.34 -16.98
N VAL A 27 -33.55 -48.00 -15.91
CA VAL A 27 -32.81 -48.98 -15.13
C VAL A 27 -32.89 -48.66 -13.65
N SER A 28 -32.58 -49.66 -12.83
CA SER A 28 -32.59 -49.53 -11.38
C SER A 28 -31.13 -49.66 -10.95
N ILE A 29 -30.56 -48.58 -10.46
CA ILE A 29 -29.16 -48.55 -10.07
C ILE A 29 -28.79 -48.82 -8.61
N THR A 30 -27.66 -49.51 -8.43
CA THR A 30 -27.09 -49.81 -7.12
C THR A 30 -25.60 -49.53 -7.30
N ALA A 31 -25.10 -48.49 -6.63
CA ALA A 31 -23.68 -48.14 -6.74
C ALA A 31 -22.93 -48.48 -5.47
N ILE A 32 -22.01 -49.43 -5.56
CA ILE A 32 -21.22 -49.84 -4.41
C ILE A 32 -19.93 -49.00 -4.40
N VAL A 33 -19.83 -48.06 -3.46
CA VAL A 33 -18.68 -47.16 -3.42
C VAL A 33 -17.47 -47.53 -2.55
N THR A 34 -16.28 -47.28 -3.08
CA THR A 34 -15.05 -47.58 -2.36
C THR A 34 -14.89 -46.81 -1.05
N VAL A 35 -14.23 -47.43 -0.08
CA VAL A 35 -14.00 -46.80 1.22
C VAL A 35 -12.56 -47.00 1.68
N ALA A 36 -11.64 -47.00 0.71
CA ALA A 36 -10.23 -47.20 1.00
C ALA A 36 -9.41 -45.94 0.84
N ASP A 37 -10.02 -44.87 0.35
CA ASP A 37 -9.30 -43.62 0.15
C ASP A 37 -8.86 -43.02 1.47
N ASP A 38 -7.63 -42.49 1.50
CA ASP A 38 -7.10 -41.90 2.72
C ASP A 38 -6.50 -40.53 2.43
N GLY A 39 -6.87 -39.96 1.30
CA GLY A 39 -6.37 -38.64 0.95
C GLY A 39 -7.33 -37.48 1.17
N GLY A 40 -6.78 -36.27 1.20
CA GLY A 40 -7.57 -35.08 1.38
C GLY A 40 -8.48 -34.99 2.60
N SER A 41 -9.64 -34.39 2.38
CA SER A 41 -10.64 -34.18 3.43
C SER A 41 -11.11 -35.51 4.00
N SER A 42 -11.36 -36.48 3.13
CA SER A 42 -11.81 -37.78 3.58
C SER A 42 -10.74 -38.46 4.44
N GLY A 43 -9.48 -38.32 4.04
CA GLY A 43 -8.43 -38.94 4.81
C GLY A 43 -8.40 -38.36 6.21
N ARG A 44 -8.55 -37.05 6.30
CA ARG A 44 -8.53 -36.38 7.59
C ARG A 44 -9.66 -36.83 8.48
N LEU A 45 -10.86 -36.92 7.92
CA LEU A 45 -12.02 -37.32 8.68
C LEU A 45 -11.92 -38.73 9.23
N ARG A 46 -11.59 -39.70 8.38
CA ARG A 46 -11.49 -41.07 8.87
C ARG A 46 -10.45 -41.21 9.95
N LYS A 47 -9.46 -40.31 9.94
CA LYS A 47 -8.41 -40.38 10.93
C LYS A 47 -8.86 -39.81 12.28
N GLU A 48 -9.34 -38.57 12.31
CA GLU A 48 -9.76 -37.97 13.57
C GLU A 48 -11.19 -38.30 14.05
N LEU A 49 -12.04 -38.73 13.14
CA LEU A 49 -13.42 -39.06 13.49
C LEU A 49 -13.68 -40.57 13.50
N ASP A 50 -12.68 -41.32 13.03
CA ASP A 50 -12.75 -42.77 13.00
C ASP A 50 -13.98 -43.34 12.27
N ILE A 51 -14.13 -42.94 11.01
CA ILE A 51 -15.24 -43.41 10.16
C ILE A 51 -14.68 -43.72 8.79
N PRO A 52 -15.48 -44.33 7.90
CA PRO A 52 -14.93 -44.61 6.58
C PRO A 52 -14.86 -43.30 5.80
N PRO A 53 -14.02 -43.22 4.76
CA PRO A 53 -13.92 -41.98 3.97
C PRO A 53 -15.23 -41.72 3.20
N PRO A 54 -15.87 -40.56 3.43
CA PRO A 54 -17.12 -40.24 2.75
C PRO A 54 -17.03 -39.58 1.37
N GLY A 55 -15.95 -38.86 1.12
CA GLY A 55 -15.78 -38.18 -0.15
C GLY A 55 -16.30 -38.88 -1.39
N ASP A 56 -15.85 -40.11 -1.64
CA ASP A 56 -16.28 -40.81 -2.83
C ASP A 56 -17.79 -41.08 -2.79
N VAL A 57 -18.31 -41.31 -1.60
CA VAL A 57 -19.74 -41.56 -1.42
C VAL A 57 -20.50 -40.25 -1.68
N ARG A 58 -19.96 -39.13 -1.20
CA ARG A 58 -20.58 -37.83 -1.37
C ARG A 58 -20.80 -37.49 -2.85
N ASN A 59 -19.81 -37.78 -3.67
CA ASN A 59 -19.97 -37.47 -5.08
C ASN A 59 -20.99 -38.37 -5.79
N VAL A 60 -21.19 -39.57 -5.26
CA VAL A 60 -22.15 -40.49 -5.85
C VAL A 60 -23.54 -40.08 -5.37
N LEU A 61 -23.61 -39.61 -4.13
CA LEU A 61 -24.86 -39.16 -3.54
C LEU A 61 -25.35 -37.92 -4.28
N VAL A 62 -24.46 -36.97 -4.54
CA VAL A 62 -24.87 -35.77 -5.26
C VAL A 62 -25.21 -36.11 -6.70
N ALA A 63 -24.45 -37.02 -7.29
CA ALA A 63 -24.67 -37.42 -8.68
C ALA A 63 -26.05 -38.04 -8.94
N LEU A 64 -26.53 -38.87 -8.03
CA LEU A 64 -27.83 -39.52 -8.19
C LEU A 64 -28.95 -38.74 -7.52
N SER A 65 -28.59 -37.63 -6.88
CA SER A 65 -29.57 -36.81 -6.18
C SER A 65 -30.51 -36.05 -7.10
N GLU A 66 -31.60 -35.57 -6.51
CA GLU A 66 -32.61 -34.81 -7.22
C GLU A 66 -33.12 -33.70 -6.27
N VAL A 67 -32.40 -32.59 -6.23
CA VAL A 67 -32.78 -31.46 -5.39
C VAL A 67 -32.58 -30.19 -6.17
N GLU A 68 -32.81 -29.06 -5.52
CA GLU A 68 -32.64 -27.77 -6.17
C GLU A 68 -31.15 -27.53 -6.30
N PRO A 69 -30.72 -26.85 -7.37
CA PRO A 69 -29.31 -26.55 -7.59
C PRO A 69 -28.67 -25.94 -6.36
N LEU A 70 -29.44 -25.09 -5.69
CA LEU A 70 -28.97 -24.39 -4.50
C LEU A 70 -28.56 -25.38 -3.41
N LEU A 71 -29.35 -26.42 -3.19
CA LEU A 71 -29.00 -27.40 -2.18
C LEU A 71 -27.79 -28.21 -2.63
N GLU A 72 -27.81 -28.62 -3.90
CA GLU A 72 -26.74 -29.41 -4.47
C GLU A 72 -25.37 -28.73 -4.33
N GLN A 73 -25.35 -27.40 -4.29
CA GLN A 73 -24.10 -26.66 -4.12
C GLN A 73 -23.70 -26.70 -2.65
N LEU A 74 -24.69 -26.53 -1.80
CA LEU A 74 -24.48 -26.54 -0.37
C LEU A 74 -23.76 -27.81 0.03
N PHE A 75 -24.24 -28.93 -0.50
CA PHE A 75 -23.68 -30.25 -0.20
C PHE A 75 -22.25 -30.31 -0.71
N GLN A 76 -22.05 -29.78 -1.92
CA GLN A 76 -20.74 -29.77 -2.53
C GLN A 76 -19.85 -28.64 -2.04
N HIS A 77 -20.35 -27.82 -1.11
CA HIS A 77 -19.57 -26.71 -0.60
C HIS A 77 -18.31 -27.15 0.12
N ARG A 78 -17.20 -26.52 -0.23
CA ARG A 78 -15.91 -26.83 0.37
C ARG A 78 -15.35 -25.57 1.06
N PHE A 79 -15.16 -25.64 2.37
CA PHE A 79 -14.66 -24.50 3.13
C PHE A 79 -13.25 -24.10 2.70
N GLU A 80 -13.01 -22.80 2.64
CA GLU A 80 -11.73 -22.27 2.20
C GLU A 80 -10.83 -21.86 3.36
N ASN A 81 -11.43 -21.48 4.50
CA ASN A 81 -10.66 -21.06 5.67
C ASN A 81 -11.13 -21.75 6.95
N GLY A 82 -10.39 -21.53 8.03
CA GLY A 82 -10.72 -22.14 9.31
C GLY A 82 -9.48 -22.81 9.86
N ASN A 83 -8.49 -23.01 8.99
CA ASN A 83 -7.22 -23.64 9.35
C ASN A 83 -7.39 -24.78 10.34
N GLY A 84 -8.49 -25.51 10.14
CA GLY A 84 -8.84 -26.65 10.98
C GLY A 84 -10.19 -27.06 10.43
N LEU A 85 -10.65 -26.26 9.48
CA LEU A 85 -11.93 -26.47 8.83
C LEU A 85 -11.69 -26.34 7.33
N SER A 86 -10.60 -25.68 6.97
CA SER A 86 -10.25 -25.48 5.56
C SER A 86 -9.99 -26.81 4.84
N GLY A 87 -10.49 -26.91 3.61
CA GLY A 87 -10.31 -28.13 2.85
C GLY A 87 -11.52 -29.05 2.93
N HIS A 88 -12.12 -29.10 4.12
CA HIS A 88 -13.29 -29.94 4.33
C HIS A 88 -14.54 -29.58 3.53
N SER A 89 -15.21 -30.63 3.03
CA SER A 89 -16.44 -30.48 2.27
C SER A 89 -17.64 -30.58 3.19
N LEU A 90 -18.60 -29.67 3.02
CA LEU A 90 -19.78 -29.69 3.86
C LEU A 90 -20.52 -31.01 3.73
N GLY A 91 -20.48 -31.60 2.54
CA GLY A 91 -21.15 -32.87 2.29
C GLY A 91 -20.45 -34.01 3.02
N ASN A 92 -19.13 -33.91 3.14
CA ASN A 92 -18.37 -34.95 3.84
C ASN A 92 -18.77 -34.91 5.30
N LEU A 93 -18.73 -33.70 5.87
CA LEU A 93 -19.07 -33.47 7.28
C LEU A 93 -20.51 -33.86 7.58
N LEU A 94 -21.40 -33.60 6.64
CA LEU A 94 -22.81 -33.94 6.79
C LEU A 94 -22.90 -35.46 6.95
N LEU A 95 -22.23 -36.17 6.05
CA LEU A 95 -22.20 -37.64 6.08
C LEU A 95 -21.53 -38.14 7.35
N ALA A 96 -20.44 -37.47 7.75
CA ALA A 96 -19.72 -37.85 8.95
C ALA A 96 -20.64 -37.68 10.17
N GLY A 97 -21.34 -36.55 10.19
CA GLY A 97 -22.25 -36.29 11.31
C GLY A 97 -23.32 -37.34 11.37
N THR A 99 -23.33 -40.42 10.22
CA THR A 99 -22.81 -41.71 10.64
C THR A 99 -22.50 -41.75 12.14
N SER A 100 -22.23 -40.59 12.73
CA SER A 100 -21.95 -40.52 14.15
C SER A 100 -23.24 -40.78 14.91
N ILE A 101 -24.32 -40.16 14.44
CA ILE A 101 -25.63 -40.30 15.05
C ILE A 101 -26.19 -41.71 14.95
N THR A 102 -25.94 -42.38 13.83
CA THR A 102 -26.42 -43.74 13.62
C THR A 102 -25.38 -44.79 13.99
N GLY A 103 -24.13 -44.37 14.16
CA GLY A 103 -23.07 -45.31 14.49
C GLY A 103 -22.85 -46.30 13.36
N ASP A 104 -23.57 -46.08 12.25
CA ASP A 104 -23.49 -46.96 11.09
C ASP A 104 -23.29 -46.14 9.81
N PHE A 105 -22.16 -46.32 9.14
CA PHE A 105 -21.85 -45.57 7.92
C PHE A 105 -22.89 -45.86 6.87
N ALA A 106 -23.17 -47.14 6.65
CA ALA A 106 -24.14 -47.55 5.67
C ALA A 106 -25.47 -46.88 5.94
N ARG A 107 -25.96 -46.99 7.17
CA ARG A 107 -27.23 -46.38 7.52
C ARG A 107 -27.16 -44.89 7.26
N GLY A 108 -26.07 -44.26 7.70
CA GLY A 108 -25.92 -42.83 7.50
C GLY A 108 -26.16 -42.49 6.04
N ILE A 109 -25.49 -43.23 5.16
CA ILE A 109 -25.60 -43.05 3.73
C ILE A 109 -27.06 -43.24 3.31
N SER A 110 -27.72 -44.20 3.93
CA SER A 110 -29.11 -44.51 3.65
C SER A 110 -29.99 -43.28 3.92
N GLU A 111 -29.79 -42.68 5.10
CA GLU A 111 -30.55 -41.50 5.49
C GLU A 111 -30.33 -40.32 4.56
N SER A 113 -29.63 -40.44 1.49
CA SER A 113 -30.24 -40.69 0.21
C SER A 113 -31.63 -40.06 0.23
N LYS A 114 -32.41 -40.38 1.28
CA LYS A 114 -33.75 -39.83 1.42
C LYS A 114 -33.70 -38.30 1.34
N VAL A 115 -32.87 -37.71 2.20
CA VAL A 115 -32.71 -36.27 2.22
C VAL A 115 -32.47 -35.77 0.79
N LEU A 116 -31.44 -36.31 0.14
CA LEU A 116 -31.08 -35.93 -1.22
C LEU A 116 -31.97 -36.47 -2.34
N ASN A 117 -33.03 -37.20 -1.99
CA ASN A 117 -33.95 -37.78 -2.98
C ASN A 117 -33.22 -38.63 -4.02
N VAL A 118 -32.25 -39.43 -3.58
CA VAL A 118 -31.48 -40.27 -4.49
C VAL A 118 -32.25 -41.32 -5.26
N ARG A 119 -32.05 -41.29 -6.58
CA ARG A 119 -32.67 -42.17 -7.55
C ARG A 119 -31.79 -43.42 -7.66
N GLY A 120 -32.02 -44.39 -6.75
CA GLY A 120 -31.24 -45.62 -6.75
C GLY A 120 -30.67 -45.93 -5.38
N LYS A 121 -29.85 -46.98 -5.28
CA LYS A 121 -29.26 -47.37 -4.00
C LYS A 121 -27.73 -47.25 -4.02
N VAL A 122 -27.20 -46.52 -3.06
CA VAL A 122 -25.75 -46.34 -2.96
C VAL A 122 -25.28 -47.05 -1.69
N LEU A 123 -24.25 -47.88 -1.85
CA LEU A 123 -23.71 -48.67 -0.73
C LEU A 123 -22.20 -48.63 -0.63
N PRO A 124 -21.66 -48.57 0.60
CA PRO A 124 -20.21 -48.54 0.75
C PRO A 124 -19.67 -49.97 0.62
N ALA A 125 -18.51 -50.13 0.00
CA ALA A 125 -17.91 -51.44 -0.18
C ALA A 125 -17.83 -52.15 1.15
N SER A 126 -17.58 -51.39 2.22
CA SER A 126 -17.50 -51.96 3.56
C SER A 126 -18.08 -50.97 4.55
N ASN A 127 -18.48 -51.47 5.71
CA ASN A 127 -19.09 -50.62 6.72
C ASN A 127 -18.02 -50.06 7.63
N ARG A 128 -16.81 -50.58 7.47
CA ARG A 128 -15.67 -50.13 8.25
C ARG A 128 -14.65 -49.64 7.24
N SER A 129 -13.66 -48.91 7.72
CA SER A 129 -12.64 -48.38 6.85
C SER A 129 -11.76 -49.51 6.30
N ILE A 130 -11.16 -49.26 5.14
CA ILE A 130 -10.26 -50.21 4.48
C ILE A 130 -8.93 -49.53 4.19
N ILE A 131 -7.84 -50.29 4.27
CA ILE A 131 -6.54 -49.72 3.96
C ILE A 131 -6.06 -50.39 2.69
N LEU A 132 -5.61 -49.58 1.74
CA LEU A 132 -5.10 -50.12 0.48
C LEU A 132 -3.58 -50.19 0.53
N HIS A 133 -3.01 -51.28 0.04
CA HIS A 133 -1.56 -51.48 0.02
C HIS A 133 -1.13 -51.90 -1.38
N GLY A 134 0.04 -51.44 -1.80
CA GLY A 134 0.53 -51.84 -3.10
C GLY A 134 1.86 -52.57 -3.00
N GLU A 135 1.96 -53.70 -3.69
CA GLU A 135 3.21 -54.45 -3.71
C GLU A 135 3.87 -53.98 -4.99
N GLU A 137 6.94 -53.50 -8.00
CA GLU A 137 7.73 -54.37 -8.85
C GLU A 137 8.96 -54.85 -8.11
N ASP A 138 9.59 -53.94 -7.36
CA ASP A 138 10.77 -54.26 -6.60
C ASP A 138 10.43 -54.73 -5.19
N GLY A 139 9.51 -55.70 -5.10
CA GLY A 139 9.12 -56.28 -3.82
C GLY A 139 8.69 -55.38 -2.67
N THR A 140 8.94 -54.08 -2.77
CA THR A 140 8.55 -53.15 -1.71
C THR A 140 7.04 -53.09 -1.52
N ILE A 141 6.62 -52.49 -0.41
CA ILE A 141 5.20 -52.34 -0.09
C ILE A 141 4.94 -50.89 0.27
N VAL A 142 3.89 -50.32 -0.33
CA VAL A 142 3.52 -48.95 -0.03
C VAL A 142 2.09 -48.96 0.52
N THR A 143 1.93 -48.42 1.73
CA THR A 143 0.63 -48.38 2.40
C THR A 143 -0.07 -47.03 2.28
N GLY A 144 -1.39 -47.08 2.11
CA GLY A 144 -2.18 -45.85 1.99
C GLY A 144 -2.52 -45.48 0.56
N GLU A 145 -3.81 -45.55 0.25
CA GLU A 145 -4.32 -45.23 -1.08
C GLU A 145 -3.62 -44.06 -1.80
N SER A 146 -3.41 -42.97 -1.06
CA SER A 146 -2.80 -41.78 -1.62
C SER A 146 -1.27 -41.72 -1.68
N SER A 147 -0.60 -42.65 -1.02
CA SER A 147 0.86 -42.64 -1.04
C SER A 147 1.36 -43.55 -2.14
N ILE A 148 0.48 -44.43 -2.61
CA ILE A 148 0.83 -45.38 -3.64
C ILE A 148 1.30 -44.76 -4.96
N PRO A 149 0.52 -43.82 -5.52
CA PRO A 149 0.99 -43.26 -6.79
C PRO A 149 2.20 -42.37 -6.54
N LYS A 150 2.28 -41.82 -5.33
CA LYS A 150 3.35 -40.92 -4.93
C LYS A 150 4.69 -41.62 -4.72
N ALA A 151 4.69 -42.95 -4.79
CA ALA A 151 5.91 -43.71 -4.62
C ALA A 151 6.82 -43.62 -5.83
N GLY A 152 6.25 -43.25 -6.96
CA GLY A 152 7.02 -43.11 -8.20
C GLY A 152 7.51 -44.44 -8.74
N LYS A 153 7.03 -45.54 -8.17
CA LYS A 153 7.42 -46.88 -8.61
C LYS A 153 6.34 -47.48 -9.50
N LYS A 154 6.46 -48.79 -9.73
CA LYS A 154 5.49 -49.52 -10.55
C LYS A 154 4.68 -50.49 -9.68
N ILE A 155 3.36 -50.46 -9.83
CA ILE A 155 2.49 -51.34 -9.05
C ILE A 155 2.47 -52.73 -9.68
N LYS A 156 2.70 -53.74 -8.85
CA LYS A 156 2.65 -55.11 -9.28
C LYS A 156 1.28 -55.65 -8.86
N ARG A 157 0.83 -55.17 -7.70
CA ARG A 157 -0.44 -55.62 -7.16
C ARG A 157 -0.83 -54.83 -5.89
N VAL A 158 -2.14 -54.69 -5.67
CA VAL A 158 -2.64 -54.01 -4.49
C VAL A 158 -3.46 -55.02 -3.68
N PHE A 159 -3.55 -54.79 -2.37
CA PHE A 159 -4.32 -55.67 -1.50
C PHE A 159 -4.92 -54.88 -0.35
N LEU A 160 -5.94 -55.45 0.28
CA LEU A 160 -6.66 -54.82 1.36
C LEU A 160 -6.42 -55.33 2.76
N THR A 161 -6.66 -54.44 3.70
CA THR A 161 -6.51 -54.70 5.13
C THR A 161 -7.61 -53.89 5.80
N PRO A 162 -8.25 -54.45 6.83
CA PRO A 162 -7.99 -55.77 7.38
C PRO A 162 -8.45 -56.91 6.46
N LYS A 163 -7.85 -58.08 6.67
CA LYS A 163 -8.16 -59.27 5.89
C LYS A 163 -9.63 -59.66 6.10
N ASP A 164 -10.12 -59.49 7.31
CA ASP A 164 -11.51 -59.83 7.64
C ASP A 164 -12.52 -58.73 7.31
N THR A 165 -12.25 -57.97 6.27
CA THR A 165 -13.15 -56.92 5.83
C THR A 165 -14.38 -57.56 5.21
N LYS A 166 -15.56 -57.00 5.50
CA LYS A 166 -16.78 -57.59 4.97
C LYS A 166 -17.69 -56.63 4.21
N PRO A 167 -18.33 -57.11 3.14
CA PRO A 167 -19.23 -56.28 2.32
C PRO A 167 -20.58 -56.23 3.02
N LEU A 168 -21.50 -55.43 2.48
CA LEU A 168 -22.80 -55.34 3.09
C LEU A 168 -23.69 -56.37 2.42
N ARG A 169 -24.55 -57.02 3.19
CA ARG A 169 -25.46 -58.03 2.67
C ARG A 169 -26.22 -57.46 1.46
N GLU A 170 -26.59 -56.16 1.53
CA GLU A 170 -27.29 -55.49 0.44
C GLU A 170 -26.44 -55.58 -0.81
N GLY A 171 -25.12 -55.52 -0.62
CA GLY A 171 -24.20 -55.62 -1.73
C GLY A 171 -24.24 -56.99 -2.42
N LEU A 172 -23.99 -58.05 -1.66
CA LEU A 172 -24.02 -59.40 -2.24
C LEU A 172 -25.36 -59.58 -2.93
N GLU A 173 -26.41 -59.12 -2.25
CA GLU A 173 -27.77 -59.21 -2.74
C GLU A 173 -27.95 -58.54 -4.10
N ALA A 174 -27.53 -57.28 -4.20
CA ALA A 174 -27.67 -56.53 -5.45
C ALA A 174 -26.92 -57.18 -6.59
N ILE A 175 -25.75 -57.77 -6.30
CA ILE A 175 -24.95 -58.44 -7.33
C ILE A 175 -25.71 -59.67 -7.83
N ARG A 176 -26.34 -60.38 -6.91
CA ARG A 176 -27.09 -61.58 -7.26
C ARG A 176 -28.18 -61.22 -8.24
N LYS A 177 -28.97 -60.21 -7.88
CA LYS A 177 -30.11 -59.75 -8.68
C LYS A 177 -29.77 -58.90 -9.91
N ALA A 178 -28.51 -58.53 -10.06
CA ALA A 178 -28.08 -57.70 -11.17
C ALA A 178 -28.36 -58.27 -12.56
N ASP A 179 -28.67 -57.39 -13.50
CA ASP A 179 -28.89 -57.78 -14.90
C ASP A 179 -27.59 -57.40 -15.62
N VAL A 180 -26.93 -56.37 -15.11
CA VAL A 180 -25.66 -55.90 -15.66
C VAL A 180 -24.73 -55.42 -14.54
N ILE A 181 -23.49 -55.84 -14.60
CA ILE A 181 -22.51 -55.40 -13.62
C ILE A 181 -21.50 -54.55 -14.39
N VAL A 182 -21.21 -53.38 -13.84
CA VAL A 182 -20.28 -52.45 -14.45
C VAL A 182 -19.06 -52.24 -13.56
N ILE A 183 -17.89 -52.57 -14.12
CA ILE A 183 -16.62 -52.41 -13.43
C ILE A 183 -16.04 -51.07 -13.94
N GLY A 184 -15.94 -50.11 -13.04
CA GLY A 184 -15.43 -48.80 -13.43
C GLY A 184 -16.59 -47.88 -13.81
N PRO A 185 -16.30 -46.63 -14.21
CA PRO A 185 -14.95 -46.09 -14.30
C PRO A 185 -14.34 -45.72 -12.95
N GLY A 186 -13.04 -45.41 -12.99
CA GLY A 186 -12.30 -45.04 -11.81
C GLY A 186 -10.88 -45.54 -11.99
N SER A 187 -9.97 -45.15 -11.09
CA SER A 187 -8.58 -45.59 -11.16
C SER A 187 -8.53 -47.11 -11.01
N LEU A 188 -7.72 -47.75 -11.83
CA LEU A 188 -7.58 -49.20 -11.79
C LEU A 188 -7.13 -49.74 -10.42
N TYR A 189 -6.09 -49.14 -9.85
CA TYR A 189 -5.54 -49.60 -8.58
C TYR A 189 -6.02 -48.92 -7.31
N THR A 190 -6.52 -47.70 -7.44
CA THR A 190 -6.96 -46.99 -6.25
C THR A 190 -8.48 -46.78 -6.17
N SER A 191 -9.22 -47.24 -7.15
CA SER A 191 -10.68 -47.08 -7.12
C SER A 191 -11.44 -48.38 -7.40
N VAL A 192 -11.17 -48.97 -8.57
CA VAL A 192 -11.85 -50.17 -8.99
C VAL A 192 -11.41 -51.41 -8.23
N LEU A 193 -10.11 -51.71 -8.24
CA LEU A 193 -9.63 -52.90 -7.54
C LEU A 193 -9.91 -52.89 -6.03
N PRO A 194 -9.59 -51.80 -5.32
CA PRO A 194 -9.87 -51.82 -3.88
C PRO A 194 -11.35 -52.02 -3.60
N ASN A 195 -12.18 -51.84 -4.62
CA ASN A 195 -13.62 -52.04 -4.49
C ASN A 195 -13.92 -53.51 -4.71
N LEU A 196 -13.46 -54.03 -5.84
CA LEU A 196 -13.66 -55.44 -6.20
C LEU A 196 -13.00 -56.37 -5.18
N LEU A 197 -11.80 -56.01 -4.71
CA LEU A 197 -11.05 -56.82 -3.76
C LEU A 197 -11.69 -57.06 -2.41
N VAL A 198 -12.88 -56.54 -2.18
CA VAL A 198 -13.53 -56.78 -0.91
C VAL A 198 -13.95 -58.25 -0.94
N PRO A 199 -13.63 -58.98 0.13
CA PRO A 199 -13.94 -60.41 0.30
C PRO A 199 -15.37 -60.74 -0.15
N GLY A 200 -15.51 -61.77 -0.97
CA GLY A 200 -16.83 -62.17 -1.43
C GLY A 200 -17.33 -61.48 -2.68
N ILE A 201 -16.83 -60.28 -2.96
CA ILE A 201 -17.28 -59.54 -4.14
C ILE A 201 -16.93 -60.19 -5.47
N CYS A 202 -15.67 -60.55 -5.69
CA CYS A 202 -15.28 -61.18 -6.97
C CYS A 202 -16.08 -62.45 -7.20
N GLU A 203 -16.14 -63.30 -6.17
CA GLU A 203 -16.86 -64.56 -6.25
C GLU A 203 -18.31 -64.32 -6.59
N ALA A 204 -18.96 -63.47 -5.81
CA ALA A 204 -20.36 -63.15 -6.03
C ALA A 204 -20.62 -62.76 -7.48
N ILE A 205 -19.67 -62.04 -8.07
CA ILE A 205 -19.78 -61.59 -9.45
C ILE A 205 -19.68 -62.75 -10.44
N LYS A 206 -18.66 -63.58 -10.28
CA LYS A 206 -18.48 -64.73 -11.17
C LYS A 206 -19.76 -65.56 -11.18
N GLN A 207 -20.34 -65.75 -10.00
CA GLN A 207 -21.56 -66.53 -9.88
C GLN A 207 -22.76 -65.79 -10.47
N SER A 208 -22.66 -64.47 -10.58
CA SER A 208 -23.76 -63.71 -11.16
C SER A 208 -23.86 -64.02 -12.65
N THR A 209 -25.07 -64.25 -13.10
CA THR A 209 -25.33 -64.56 -14.51
C THR A 209 -25.54 -63.30 -15.32
N ALA A 210 -25.33 -62.14 -14.67
CA ALA A 210 -25.50 -60.85 -15.32
C ALA A 210 -24.37 -60.54 -16.28
N ARG A 211 -24.61 -59.56 -17.14
CA ARG A 211 -23.64 -59.11 -18.12
C ARG A 211 -22.63 -58.19 -17.43
N LYS A 212 -21.35 -58.52 -17.55
CA LYS A 212 -20.30 -57.75 -16.91
C LYS A 212 -19.47 -56.92 -17.88
N VAL A 213 -19.65 -55.60 -17.80
CA VAL A 213 -18.94 -54.68 -18.68
C VAL A 213 -17.87 -53.89 -17.91
N TYR A 214 -16.65 -53.89 -18.43
CA TYR A 214 -15.57 -53.15 -17.80
C TYR A 214 -15.23 -51.90 -18.59
N ILE A 215 -15.46 -50.75 -17.98
CA ILE A 215 -15.17 -49.45 -18.60
C ILE A 215 -13.70 -49.16 -18.33
N CYS A 216 -12.88 -49.29 -19.36
CA CYS A 216 -11.42 -49.07 -19.26
C CYS A 216 -11.04 -47.60 -19.23
N ASN A 217 -9.91 -47.30 -18.60
CA ASN A 217 -9.43 -45.93 -18.52
C ASN A 217 -9.05 -45.38 -19.88
N VAL A 218 -9.26 -44.08 -20.05
CA VAL A 218 -8.94 -43.40 -21.29
C VAL A 218 -7.49 -42.93 -21.24
N THR A 220 -3.68 -42.73 -18.84
CA THR A 220 -2.90 -43.48 -17.87
C THR A 220 -2.76 -42.55 -16.65
N GLN A 221 -2.23 -43.08 -15.56
CA GLN A 221 -2.04 -42.27 -14.37
C GLN A 221 -0.64 -42.40 -13.82
N ASN A 222 -0.02 -41.25 -13.57
CA ASN A 222 1.34 -41.20 -13.05
C ASN A 222 1.47 -41.96 -11.74
N GLY A 223 2.37 -42.94 -11.73
CA GLY A 223 2.60 -43.72 -10.53
C GLY A 223 1.67 -44.90 -10.31
N GLU A 224 0.70 -45.09 -11.20
CA GLU A 224 -0.25 -46.17 -11.07
C GLU A 224 -0.23 -47.07 -12.29
N THR A 225 -0.62 -46.50 -13.42
CA THR A 225 -0.69 -47.25 -14.67
C THR A 225 0.16 -46.67 -15.79
N ASP A 226 1.39 -46.27 -15.49
CA ASP A 226 2.22 -45.69 -16.53
C ASP A 226 2.41 -46.66 -17.68
N GLY A 227 2.24 -46.17 -18.90
CA GLY A 227 2.44 -47.01 -20.08
C GLY A 227 1.46 -48.15 -20.26
N TYR A 228 0.45 -48.23 -19.40
CA TYR A 228 -0.53 -49.30 -19.51
C TYR A 228 -1.39 -49.22 -20.78
N THR A 229 -1.61 -50.36 -21.40
CA THR A 229 -2.47 -50.42 -22.58
C THR A 229 -3.85 -50.82 -22.06
N ALA A 230 -4.80 -50.99 -22.97
CA ALA A 230 -6.13 -51.39 -22.52
C ALA A 230 -6.00 -52.75 -21.86
N SER A 231 -5.30 -53.68 -22.52
CA SER A 231 -5.15 -55.02 -21.96
C SER A 231 -4.40 -55.02 -20.64
N ASP A 232 -3.42 -54.12 -20.47
CA ASP A 232 -2.70 -54.09 -19.20
C ASP A 232 -3.73 -53.87 -18.10
N HIS A 233 -4.71 -53.00 -18.37
CA HIS A 233 -5.75 -52.72 -17.40
C HIS A 233 -6.58 -53.98 -17.14
N LEU A 234 -7.06 -54.62 -18.19
CA LEU A 234 -7.86 -55.83 -18.06
C LEU A 234 -7.09 -56.90 -17.32
N GLN A 235 -5.82 -57.07 -17.69
CA GLN A 235 -4.95 -58.06 -17.07
C GLN A 235 -4.96 -57.89 -15.56
N ALA A 236 -4.66 -56.68 -15.08
CA ALA A 236 -4.64 -56.41 -13.65
C ALA A 236 -5.94 -56.83 -12.96
N ILE A 237 -7.07 -56.63 -13.65
CA ILE A 237 -8.34 -57.01 -13.07
C ILE A 237 -8.46 -58.52 -12.96
N ASP A 239 -5.90 -60.67 -13.03
CA ASP A 239 -4.83 -61.08 -12.13
C ASP A 239 -5.23 -60.88 -10.68
N HIS A 240 -6.23 -60.03 -10.42
CA HIS A 240 -6.67 -59.78 -9.07
C HIS A 240 -7.97 -60.49 -8.72
N CYS A 241 -8.94 -60.48 -9.63
CA CYS A 241 -10.24 -61.12 -9.38
C CYS A 241 -10.37 -62.49 -10.07
N GLY A 242 -9.69 -62.68 -11.19
CA GLY A 242 -9.79 -63.94 -11.89
C GLY A 242 -10.74 -63.85 -13.08
N VAL A 243 -10.78 -64.89 -13.90
CA VAL A 243 -11.66 -64.89 -15.08
C VAL A 243 -13.13 -65.03 -14.72
N GLY A 244 -13.99 -64.57 -15.62
CA GLY A 244 -15.43 -64.65 -15.38
C GLY A 244 -15.88 -63.42 -14.62
N ILE A 245 -15.02 -62.41 -14.64
CA ILE A 245 -15.30 -61.18 -13.95
C ILE A 245 -15.71 -60.12 -14.97
N VAL A 246 -15.20 -60.23 -16.19
CA VAL A 246 -15.52 -59.29 -17.26
C VAL A 246 -15.92 -60.00 -18.54
N ASP A 247 -17.02 -59.58 -19.14
CA ASP A 247 -17.50 -60.18 -20.37
C ASP A 247 -17.03 -59.34 -21.55
N ASP A 248 -17.27 -58.03 -21.47
CA ASP A 248 -16.85 -57.11 -22.53
C ASP A 248 -16.10 -55.93 -21.94
N ILE A 249 -15.15 -55.39 -22.69
CA ILE A 249 -14.42 -54.22 -22.22
C ILE A 249 -14.88 -53.04 -23.08
N LEU A 250 -15.11 -51.90 -22.45
CA LEU A 250 -15.55 -50.74 -23.17
C LEU A 250 -14.36 -49.77 -23.23
N VAL A 251 -13.94 -49.44 -24.45
CA VAL A 251 -12.79 -48.56 -24.64
C VAL A 251 -13.04 -47.44 -25.64
N HIS A 252 -12.36 -46.33 -25.42
CA HIS A 252 -12.49 -45.21 -26.33
C HIS A 252 -11.49 -45.47 -27.46
N GLY A 253 -12.01 -45.80 -28.62
CA GLY A 253 -11.15 -46.13 -29.75
C GLY A 253 -10.81 -45.02 -30.74
N GLU A 254 -11.21 -43.80 -30.43
CA GLU A 254 -10.91 -42.67 -31.30
C GLU A 254 -9.73 -41.89 -30.74
N PRO A 255 -9.11 -41.03 -31.57
CA PRO A 255 -7.96 -40.26 -31.08
C PRO A 255 -8.40 -39.13 -30.15
N ILE A 256 -7.48 -38.65 -29.32
CA ILE A 256 -7.76 -37.54 -28.42
C ILE A 256 -7.06 -36.33 -29.06
N SER A 257 -7.60 -35.12 -28.88
CA SER A 257 -6.96 -33.95 -29.47
C SER A 257 -5.56 -33.66 -28.93
N ASP A 258 -4.66 -33.26 -29.82
CA ASP A 258 -3.28 -32.94 -29.45
C ASP A 258 -3.29 -31.94 -28.31
N THR A 259 -4.36 -31.17 -28.22
CA THR A 259 -4.51 -30.16 -27.19
C THR A 259 -4.71 -30.79 -25.82
N VAL A 260 -5.66 -31.72 -25.74
CA VAL A 260 -5.95 -32.43 -24.50
C VAL A 260 -4.69 -33.24 -24.12
N LYS A 261 -4.23 -34.00 -25.10
CA LYS A 261 -3.04 -34.84 -24.97
C LYS A 261 -1.91 -34.07 -24.30
N ALA A 262 -1.66 -32.85 -24.76
CA ALA A 262 -0.58 -32.04 -24.20
C ALA A 262 -0.80 -31.71 -22.73
N LYS A 263 -1.99 -31.22 -22.38
CA LYS A 263 -2.29 -30.87 -21.00
C LYS A 263 -2.03 -32.07 -20.08
N TYR A 264 -2.53 -33.23 -20.49
CA TYR A 264 -2.35 -34.46 -19.73
C TYR A 264 -0.87 -34.86 -19.68
N ALA A 265 -0.15 -34.56 -20.75
CA ALA A 265 1.26 -34.89 -20.82
C ALA A 265 1.96 -34.25 -19.64
N LYS A 266 1.51 -33.05 -19.25
CA LYS A 266 2.09 -32.36 -18.10
C LYS A 266 1.44 -32.94 -16.86
N GLU A 267 1.61 -34.23 -16.64
CA GLU A 267 1.00 -34.89 -15.50
C GLU A 267 1.44 -36.33 -15.65
N LYS A 268 2.22 -36.55 -16.70
CA LYS A 268 2.72 -37.88 -17.01
C LYS A 268 1.53 -38.81 -17.24
N ALA A 269 0.53 -38.29 -17.95
CA ALA A 269 -0.67 -39.05 -18.27
C ALA A 269 -0.76 -39.17 -19.78
N GLU A 270 -0.67 -40.40 -20.30
CA GLU A 270 -0.75 -40.63 -21.74
C GLU A 270 -2.00 -41.41 -22.07
N PRO A 271 -2.44 -41.35 -23.33
CA PRO A 271 -3.64 -42.09 -23.75
C PRO A 271 -3.43 -43.59 -23.60
N VAL A 272 -4.52 -44.31 -23.33
CA VAL A 272 -4.46 -45.74 -23.18
C VAL A 272 -4.59 -46.41 -24.53
N ILE A 273 -3.48 -46.90 -25.08
CA ILE A 273 -3.52 -47.56 -26.38
C ILE A 273 -4.37 -48.83 -26.33
N VAL A 274 -5.29 -48.95 -27.29
CA VAL A 274 -6.16 -50.11 -27.37
C VAL A 274 -5.58 -51.24 -28.20
N ASP A 275 -5.08 -52.28 -27.53
CA ASP A 275 -4.53 -53.44 -28.23
C ASP A 275 -5.62 -54.44 -28.54
N GLU A 276 -6.27 -54.25 -29.68
CA GLU A 276 -7.35 -55.12 -30.14
C GLU A 276 -7.06 -56.60 -29.93
N HIS A 277 -5.85 -57.02 -30.23
CA HIS A 277 -5.47 -58.43 -30.12
C HIS A 277 -5.32 -58.96 -28.70
N LYS A 278 -4.61 -58.22 -27.85
CA LYS A 278 -4.42 -58.66 -26.47
C LYS A 278 -5.75 -58.68 -25.72
N LEU A 279 -6.70 -57.87 -26.19
CA LEU A 279 -8.02 -57.82 -25.58
C LEU A 279 -8.79 -59.09 -25.96
N LYS A 280 -8.57 -59.56 -27.18
CA LYS A 280 -9.25 -60.75 -27.68
C LYS A 280 -8.64 -62.01 -27.04
N ALA A 281 -7.32 -62.03 -26.98
CA ALA A 281 -6.60 -63.14 -26.39
C ALA A 281 -7.11 -63.41 -24.98
N LEU A 282 -7.51 -62.34 -24.30
CA LEU A 282 -8.01 -62.45 -22.93
C LEU A 282 -9.47 -62.93 -22.85
N GLY A 283 -10.08 -63.17 -24.02
CA GLY A 283 -11.43 -63.66 -24.07
C GLY A 283 -12.58 -62.74 -23.68
N VAL A 284 -12.49 -61.46 -24.05
CA VAL A 284 -13.55 -60.50 -23.76
C VAL A 284 -13.90 -59.74 -25.02
N GLY A 285 -15.17 -59.37 -25.15
CA GLY A 285 -15.60 -58.63 -26.31
C GLY A 285 -15.14 -57.20 -26.15
N THR A 286 -14.99 -56.48 -27.25
CA THR A 286 -14.56 -55.09 -27.16
C THR A 286 -15.57 -54.14 -27.76
N ILE A 287 -16.01 -53.16 -26.98
CA ILE A 287 -16.95 -52.15 -27.44
C ILE A 287 -16.10 -50.89 -27.63
N SER A 288 -15.78 -50.58 -28.87
CA SER A 288 -14.97 -49.40 -29.15
C SER A 288 -15.76 -48.34 -29.90
N ASP A 289 -15.85 -47.14 -29.31
CA ASP A 289 -16.57 -46.03 -29.93
C ASP A 289 -15.97 -44.71 -29.43
N TYR A 290 -16.65 -43.60 -29.70
CA TYR A 290 -16.19 -42.30 -29.25
C TYR A 290 -16.90 -42.13 -27.91
N PHE A 291 -16.19 -42.43 -26.82
CA PHE A 291 -16.79 -42.36 -25.49
C PHE A 291 -16.26 -41.29 -24.56
N VAL A 292 -15.79 -40.19 -25.11
CA VAL A 292 -15.30 -39.11 -24.26
C VAL A 292 -15.67 -37.80 -24.90
N LEU A 293 -15.40 -36.71 -24.19
CA LEU A 293 -15.68 -35.38 -24.71
C LEU A 293 -14.90 -34.37 -23.87
N GLU A 294 -14.33 -33.37 -24.54
CA GLU A 294 -13.53 -32.34 -23.87
C GLU A 294 -14.38 -31.36 -23.08
N GLN A 295 -14.07 -31.24 -21.79
CA GLN A 295 -14.78 -30.33 -20.90
C GLN A 295 -13.75 -29.39 -20.30
N ASP A 296 -13.37 -28.36 -21.05
CA ASP A 296 -12.37 -27.40 -20.57
C ASP A 296 -10.99 -28.05 -20.70
N ASP A 297 -10.84 -28.83 -21.78
CA ASP A 297 -9.60 -29.54 -22.08
C ASP A 297 -9.30 -30.73 -21.17
N VAL A 298 -10.25 -31.04 -20.28
CA VAL A 298 -10.10 -32.19 -19.42
C VAL A 298 -11.09 -33.19 -20.02
N LEU A 299 -10.80 -34.48 -19.89
CA LEU A 299 -11.66 -35.50 -20.48
C LEU A 299 -12.67 -36.17 -19.56
N ARG A 300 -13.94 -36.11 -19.93
CA ARG A 300 -14.99 -36.76 -19.14
C ARG A 300 -15.51 -37.91 -20.00
N HIS A 301 -16.62 -38.53 -19.62
CA HIS A 301 -17.11 -39.66 -20.39
C HIS A 301 -18.28 -39.57 -21.38
N ASN A 302 -19.33 -38.83 -21.03
CA ASN A 302 -20.52 -38.75 -21.88
C ASN A 302 -21.32 -40.03 -21.57
N ALA A 303 -22.00 -39.99 -20.43
CA ALA A 303 -22.77 -41.11 -19.92
C ALA A 303 -23.81 -41.68 -20.86
N SER A 304 -24.44 -40.82 -21.65
CA SER A 304 -25.46 -41.27 -22.59
C SER A 304 -24.88 -42.37 -23.47
N LYS A 305 -23.87 -42.01 -24.25
CA LYS A 305 -23.22 -42.94 -25.15
C LYS A 305 -22.71 -44.19 -24.44
N VAL A 306 -22.15 -43.99 -23.25
CA VAL A 306 -21.63 -45.11 -22.46
C VAL A 306 -22.80 -45.94 -21.91
N SER A 307 -23.75 -45.28 -21.25
CA SER A 307 -24.92 -45.97 -20.69
C SER A 307 -25.65 -46.76 -21.76
N GLU A 308 -25.73 -46.18 -22.95
CA GLU A 308 -26.42 -46.83 -24.05
C GLU A 308 -25.70 -48.14 -24.38
N ALA A 309 -24.38 -48.08 -24.43
CA ALA A 309 -23.57 -49.26 -24.74
C ALA A 309 -23.62 -50.37 -23.70
N ILE A 310 -23.40 -50.02 -22.42
CA ILE A 310 -23.42 -51.05 -21.36
C ILE A 310 -24.80 -51.69 -21.23
N LEU A 311 -25.82 -51.00 -21.71
CA LEU A 311 -27.18 -51.54 -21.68
C LEU A 311 -27.42 -52.22 -23.02
N GLU A 312 -26.33 -52.73 -23.60
CA GLU A 312 -26.33 -53.42 -24.90
C GLU A 312 -26.59 -52.52 -26.08
N LYS B 2 -56.75 -14.05 17.77
CA LYS B 2 -57.02 -15.13 16.78
C LYS B 2 -56.47 -14.78 15.40
N LYS B 3 -55.27 -15.28 15.12
CA LYS B 3 -54.56 -15.06 13.87
C LYS B 3 -53.79 -13.76 14.01
N LYS B 4 -52.97 -13.73 15.05
CA LYS B 4 -52.15 -12.59 15.43
C LYS B 4 -50.72 -12.61 14.86
N ASN B 5 -50.17 -11.45 14.52
CA ASN B 5 -48.81 -11.37 14.00
C ASN B 5 -47.86 -11.09 15.17
N VAL B 6 -46.91 -11.98 15.40
CA VAL B 6 -45.99 -11.81 16.53
C VAL B 6 -44.52 -11.69 16.14
N VAL B 7 -43.86 -10.71 16.74
CA VAL B 7 -42.45 -10.49 16.49
C VAL B 7 -41.75 -10.74 17.82
N VAL B 8 -40.67 -11.52 17.76
CA VAL B 8 -39.97 -11.82 18.99
C VAL B 8 -38.51 -11.44 18.91
N PHE B 9 -38.09 -10.60 19.85
CA PHE B 9 -36.71 -10.14 19.97
C PHE B 9 -36.16 -10.89 21.17
N GLY B 10 -35.22 -11.79 20.94
CA GLY B 10 -34.66 -12.53 22.06
C GLY B 10 -33.35 -13.20 21.70
N GLY B 11 -32.96 -14.18 22.51
CA GLY B 11 -31.73 -14.89 22.22
C GLY B 11 -31.47 -16.01 23.20
N GLY B 12 -30.60 -16.93 22.81
CA GLY B 12 -30.25 -18.04 23.67
C GLY B 12 -31.26 -19.17 23.78
N THR B 13 -30.97 -20.11 24.68
CA THR B 13 -31.83 -21.25 24.91
C THR B 13 -33.27 -20.82 25.24
N GLY B 14 -33.40 -19.82 26.10
CA GLY B 14 -34.72 -19.35 26.48
C GLY B 14 -35.66 -19.03 25.33
N LEU B 15 -35.11 -18.51 24.25
CA LEU B 15 -35.90 -18.13 23.07
C LEU B 15 -36.35 -19.34 22.25
N SER B 16 -35.51 -20.37 22.20
CA SER B 16 -35.86 -21.57 21.44
C SER B 16 -36.99 -22.29 22.16
N VAL B 17 -36.90 -22.34 23.48
CA VAL B 17 -37.90 -23.00 24.30
C VAL B 17 -39.27 -22.42 24.01
N LEU B 18 -39.37 -21.10 24.07
CA LEU B 18 -40.63 -20.43 23.82
C LEU B 18 -41.09 -20.63 22.39
N LEU B 19 -40.16 -20.52 21.46
CA LEU B 19 -40.52 -20.65 20.06
C LEU B 19 -41.03 -22.02 19.71
N ARG B 20 -40.47 -23.06 20.32
CA ARG B 20 -40.92 -24.40 20.02
C ARG B 20 -42.40 -24.54 20.42
N GLY B 21 -42.81 -23.75 21.40
CA GLY B 21 -44.20 -23.80 21.84
C GLY B 21 -45.09 -22.80 21.11
N LEU B 22 -44.68 -21.53 21.11
CA LEU B 22 -45.43 -20.44 20.48
C LEU B 22 -45.92 -20.72 19.07
N LYS B 23 -45.20 -21.57 18.33
CA LYS B 23 -45.56 -21.88 16.95
C LYS B 23 -46.78 -22.78 16.76
N THR B 24 -47.24 -23.45 17.83
CA THR B 24 -48.41 -24.32 17.72
C THR B 24 -49.67 -23.50 17.95
N PHE B 25 -49.48 -22.22 18.25
CA PHE B 25 -50.59 -21.31 18.44
C PHE B 25 -50.94 -20.67 17.11
N PRO B 26 -52.17 -20.13 17.01
CA PRO B 26 -52.57 -19.49 15.75
C PRO B 26 -51.96 -18.11 15.63
N VAL B 27 -50.64 -18.06 15.48
CA VAL B 27 -49.92 -16.79 15.37
C VAL B 27 -48.85 -16.92 14.29
N SER B 28 -48.62 -15.83 13.56
CA SER B 28 -47.59 -15.81 12.53
C SER B 28 -46.33 -15.24 13.17
N ILE B 29 -45.31 -16.08 13.31
CA ILE B 29 -44.06 -15.68 13.95
C ILE B 29 -42.95 -15.10 13.07
N THR B 30 -42.28 -14.09 13.62
CA THR B 30 -41.15 -13.42 12.98
C THR B 30 -40.16 -13.31 14.11
N ALA B 31 -39.09 -14.10 14.03
CA ALA B 31 -38.08 -14.08 15.07
C ALA B 31 -36.84 -13.37 14.58
N ILE B 32 -36.54 -12.21 15.18
CA ILE B 32 -35.33 -11.45 14.81
C ILE B 32 -34.22 -11.84 15.79
N VAL B 33 -33.19 -12.51 15.26
CA VAL B 33 -32.09 -13.00 16.09
C VAL B 33 -30.83 -12.16 16.14
N THR B 34 -30.32 -11.96 17.36
CA THR B 34 -29.10 -11.21 17.59
C THR B 34 -27.93 -11.78 16.82
N VAL B 35 -27.06 -10.91 16.35
CA VAL B 35 -25.87 -11.33 15.61
C VAL B 35 -24.64 -10.64 16.22
N ALA B 36 -24.52 -10.70 17.54
CA ALA B 36 -23.40 -10.07 18.23
C ALA B 36 -22.55 -11.02 19.05
N ASP B 37 -23.03 -12.24 19.24
CA ASP B 37 -22.29 -13.21 20.02
C ASP B 37 -20.97 -13.52 19.33
N ASP B 38 -19.91 -13.70 20.13
CA ASP B 38 -18.61 -14.00 19.57
C ASP B 38 -17.95 -15.13 20.37
N GLY B 39 -18.78 -15.91 21.06
CA GLY B 39 -18.26 -17.02 21.84
C GLY B 39 -18.43 -18.38 21.17
N GLY B 40 -17.63 -19.34 21.60
CA GLY B 40 -17.70 -20.69 21.06
C GLY B 40 -17.58 -20.81 19.55
N SER B 41 -18.19 -21.86 19.01
CA SER B 41 -18.18 -22.16 17.58
C SER B 41 -18.52 -20.92 16.74
N SER B 42 -19.65 -20.31 17.08
CA SER B 42 -20.09 -19.12 16.36
C SER B 42 -18.99 -18.06 16.35
N GLY B 43 -18.31 -17.91 17.49
CA GLY B 43 -17.23 -16.94 17.57
C GLY B 43 -16.09 -17.23 16.61
N ARG B 44 -15.64 -18.48 16.59
CA ARG B 44 -14.55 -18.86 15.69
C ARG B 44 -15.00 -18.68 14.24
N LEU B 45 -16.22 -19.12 13.94
CA LEU B 45 -16.74 -19.00 12.59
C LEU B 45 -16.83 -17.58 12.04
N ARG B 46 -17.18 -16.61 12.87
CA ARG B 46 -17.28 -15.25 12.34
C ARG B 46 -15.90 -14.66 12.11
N LYS B 47 -14.92 -15.16 12.85
CA LYS B 47 -13.56 -14.64 12.74
C LYS B 47 -12.80 -15.26 11.58
N GLU B 48 -12.88 -16.57 11.44
CA GLU B 48 -12.18 -17.22 10.35
C GLU B 48 -12.98 -17.32 9.07
N LEU B 49 -14.28 -17.04 9.12
CA LEU B 49 -15.11 -17.14 7.92
C LEU B 49 -15.74 -15.84 7.49
N ASP B 50 -15.62 -14.82 8.33
CA ASP B 50 -16.13 -13.49 8.02
C ASP B 50 -17.65 -13.47 7.76
N ILE B 51 -18.42 -14.05 8.66
CA ILE B 51 -19.87 -14.07 8.52
C ILE B 51 -20.48 -13.72 9.86
N PRO B 52 -21.80 -13.52 9.92
CA PRO B 52 -22.39 -13.17 11.22
C PRO B 52 -22.47 -14.45 12.06
N PRO B 53 -22.31 -14.34 13.38
CA PRO B 53 -22.39 -15.56 14.20
C PRO B 53 -23.73 -16.27 13.93
N PRO B 54 -23.67 -17.57 13.56
CA PRO B 54 -24.88 -18.34 13.25
C PRO B 54 -25.51 -19.14 14.40
N GLY B 55 -24.76 -19.36 15.47
CA GLY B 55 -25.26 -20.13 16.61
C GLY B 55 -26.70 -19.86 17.03
N ASP B 56 -27.02 -18.63 17.43
CA ASP B 56 -28.37 -18.30 17.88
C ASP B 56 -29.43 -18.53 16.81
N VAL B 57 -29.10 -18.19 15.57
CA VAL B 57 -30.03 -18.41 14.48
C VAL B 57 -30.26 -19.91 14.30
N ARG B 58 -29.20 -20.69 14.42
CA ARG B 58 -29.31 -22.13 14.27
C ARG B 58 -30.37 -22.70 15.22
N ASN B 59 -30.31 -22.29 16.49
CA ASN B 59 -31.25 -22.78 17.48
C ASN B 59 -32.68 -22.28 17.27
N VAL B 60 -32.83 -21.05 16.79
CA VAL B 60 -34.17 -20.52 16.53
C VAL B 60 -34.74 -21.33 15.36
N LEU B 61 -33.88 -21.58 14.39
CA LEU B 61 -34.23 -22.33 13.19
C LEU B 61 -34.74 -23.74 13.53
N VAL B 62 -34.03 -24.44 14.41
CA VAL B 62 -34.40 -25.79 14.81
C VAL B 62 -35.72 -25.80 15.58
N ALA B 63 -35.88 -24.85 16.50
CA ALA B 63 -37.08 -24.75 17.30
C ALA B 63 -38.34 -24.56 16.46
N LEU B 64 -38.24 -23.78 15.39
CA LEU B 64 -39.39 -23.54 14.53
C LEU B 64 -39.44 -24.55 13.39
N SER B 65 -38.43 -25.42 13.32
CA SER B 65 -38.37 -26.42 12.27
C SER B 65 -39.50 -27.42 12.40
N GLU B 66 -39.74 -28.14 11.32
CA GLU B 66 -40.76 -29.18 11.23
C GLU B 66 -40.19 -30.27 10.32
N VAL B 67 -39.30 -31.07 10.89
CA VAL B 67 -38.66 -32.16 10.15
C VAL B 67 -38.50 -33.37 11.08
N GLU B 68 -37.96 -34.46 10.53
CA GLU B 68 -37.76 -35.69 11.30
C GLU B 68 -36.76 -35.46 12.45
N PRO B 69 -36.87 -36.25 13.52
CA PRO B 69 -35.97 -36.11 14.67
C PRO B 69 -34.54 -36.34 14.20
N LEU B 70 -34.39 -37.31 13.32
CA LEU B 70 -33.10 -37.68 12.76
C LEU B 70 -32.42 -36.42 12.22
N LEU B 71 -33.08 -35.75 11.29
CA LEU B 71 -32.57 -34.52 10.68
C LEU B 71 -32.32 -33.43 11.70
N GLU B 72 -33.20 -33.32 12.68
CA GLU B 72 -33.04 -32.30 13.71
C GLU B 72 -31.75 -32.57 14.51
N GLN B 73 -31.45 -33.85 14.78
CA GLN B 73 -30.24 -34.20 15.51
C GLN B 73 -29.02 -33.88 14.67
N LEU B 74 -29.13 -34.16 13.37
CA LEU B 74 -28.03 -33.90 12.47
C LEU B 74 -27.71 -32.41 12.46
N PHE B 75 -28.75 -31.60 12.38
CA PHE B 75 -28.59 -30.14 12.35
C PHE B 75 -27.96 -29.65 13.65
N GLN B 76 -28.28 -30.34 14.75
CA GLN B 76 -27.75 -29.98 16.05
C GLN B 76 -26.42 -30.63 16.40
N HIS B 77 -25.99 -31.58 15.56
CA HIS B 77 -24.74 -32.29 15.79
C HIS B 77 -23.56 -31.37 16.01
N ARG B 78 -22.77 -31.68 17.02
CA ARG B 78 -21.59 -30.90 17.35
C ARG B 78 -20.39 -31.85 17.35
N PHE B 79 -19.34 -31.49 16.63
CA PHE B 79 -18.15 -32.34 16.53
C PHE B 79 -17.29 -32.36 17.78
N GLU B 80 -16.86 -33.56 18.17
CA GLU B 80 -16.03 -33.78 19.35
C GLU B 80 -14.52 -33.77 19.06
N ASN B 81 -14.13 -34.31 17.91
CA ASN B 81 -12.71 -34.36 17.54
C ASN B 81 -12.45 -33.71 16.20
N GLY B 82 -11.18 -33.51 15.89
CA GLY B 82 -10.81 -32.89 14.62
C GLY B 82 -10.04 -31.61 14.85
N ASN B 83 -9.98 -31.20 16.12
CA ASN B 83 -9.28 -29.98 16.53
C ASN B 83 -9.16 -28.98 15.40
N GLY B 84 -10.14 -28.09 15.33
CA GLY B 84 -10.22 -27.09 14.29
C GLY B 84 -11.59 -27.31 13.69
N LEU B 85 -12.14 -28.49 14.00
CA LEU B 85 -13.45 -28.94 13.57
C LEU B 85 -14.17 -29.28 14.87
N SER B 86 -13.38 -29.72 15.83
CA SER B 86 -13.87 -30.09 17.15
C SER B 86 -14.50 -28.86 17.80
N GLY B 87 -15.75 -28.99 18.23
CA GLY B 87 -16.41 -27.87 18.85
C GLY B 87 -17.49 -27.27 17.97
N HIS B 88 -17.31 -27.35 16.65
CA HIS B 88 -18.28 -26.79 15.74
C HIS B 88 -19.59 -27.58 15.65
N SER B 89 -20.65 -26.86 15.33
CA SER B 89 -21.98 -27.42 15.20
C SER B 89 -22.28 -27.57 13.71
N LEU B 90 -22.66 -28.78 13.30
CA LEU B 90 -22.96 -29.07 11.91
C LEU B 90 -23.97 -28.06 11.35
N GLY B 91 -24.89 -27.63 12.19
CA GLY B 91 -25.87 -26.65 11.75
C GLY B 91 -25.20 -25.29 11.53
N ASN B 92 -24.19 -24.98 12.34
CA ASN B 92 -23.46 -23.71 12.21
C ASN B 92 -22.71 -23.73 10.87
N LEU B 93 -22.02 -24.84 10.63
CA LEU B 93 -21.25 -25.00 9.40
C LEU B 93 -22.20 -25.06 8.21
N LEU B 94 -23.38 -25.61 8.42
CA LEU B 94 -24.38 -25.69 7.36
C LEU B 94 -24.78 -24.27 6.98
N LEU B 95 -25.09 -23.46 7.99
CA LEU B 95 -25.47 -22.06 7.78
C LEU B 95 -24.34 -21.24 7.18
N ALA B 96 -23.12 -21.48 7.69
CA ALA B 96 -21.94 -20.78 7.21
C ALA B 96 -21.74 -21.04 5.73
N GLY B 97 -21.93 -22.28 5.31
CA GLY B 97 -21.74 -22.62 3.92
C GLY B 97 -22.79 -22.00 3.03
N THR B 99 -24.43 -19.13 3.61
CA THR B 99 -24.25 -17.70 3.44
C THR B 99 -23.05 -17.38 2.53
N SER B 100 -22.11 -18.32 2.42
CA SER B 100 -20.96 -18.12 1.55
C SER B 100 -21.48 -18.11 0.11
N ILE B 101 -22.17 -19.18 -0.26
CA ILE B 101 -22.74 -19.35 -1.59
C ILE B 101 -23.61 -18.15 -2.01
N THR B 102 -24.55 -17.77 -1.15
CA THR B 102 -25.45 -16.65 -1.44
C THR B 102 -24.82 -15.30 -1.09
N GLY B 103 -23.68 -15.32 -0.41
CA GLY B 103 -23.05 -14.08 -0.02
C GLY B 103 -23.94 -13.16 0.81
N ASP B 104 -25.03 -13.70 1.32
CA ASP B 104 -25.97 -12.93 2.12
C ASP B 104 -26.47 -13.80 3.28
N PHE B 105 -26.22 -13.36 4.50
CA PHE B 105 -26.62 -14.12 5.68
C PHE B 105 -28.13 -14.33 5.78
N ALA B 106 -28.89 -13.25 5.61
CA ALA B 106 -30.35 -13.31 5.68
C ALA B 106 -30.89 -14.35 4.67
N ARG B 107 -30.46 -14.20 3.42
CA ARG B 107 -30.86 -15.08 2.32
C ARG B 107 -30.52 -16.54 2.65
N GLY B 108 -29.36 -16.75 3.28
CA GLY B 108 -28.96 -18.08 3.65
C GLY B 108 -29.93 -18.61 4.69
N ILE B 109 -30.24 -17.80 5.69
CA ILE B 109 -31.18 -18.21 6.73
C ILE B 109 -32.52 -18.53 6.10
N SER B 110 -32.89 -17.76 5.09
CA SER B 110 -34.16 -17.97 4.40
C SER B 110 -34.18 -19.33 3.69
N GLU B 111 -33.09 -19.66 3.00
CA GLU B 111 -32.99 -20.92 2.29
C GLU B 111 -33.03 -22.10 3.26
N SER B 113 -34.58 -22.11 6.09
CA SER B 113 -35.95 -22.18 6.58
C SER B 113 -36.76 -23.11 5.72
N LYS B 114 -36.63 -22.96 4.41
CA LYS B 114 -37.36 -23.80 3.49
C LYS B 114 -36.99 -25.24 3.78
N VAL B 115 -35.69 -25.51 3.81
CA VAL B 115 -35.20 -26.86 4.08
C VAL B 115 -35.82 -27.42 5.35
N LEU B 116 -35.79 -26.64 6.43
CA LEU B 116 -36.35 -27.08 7.69
C LEU B 116 -37.87 -26.95 7.83
N ASN B 117 -38.56 -26.50 6.77
CA ASN B 117 -40.02 -26.35 6.79
C ASN B 117 -40.51 -25.49 7.95
N VAL B 118 -39.85 -24.35 8.15
CA VAL B 118 -40.19 -23.43 9.22
C VAL B 118 -41.51 -22.67 9.09
N ARG B 119 -42.37 -22.83 10.10
CA ARG B 119 -43.64 -22.13 10.13
C ARG B 119 -43.26 -20.71 10.47
N GLY B 120 -43.22 -19.81 9.49
CA GLY B 120 -42.88 -18.45 9.83
C GLY B 120 -41.57 -17.92 9.30
N LYS B 121 -41.15 -16.77 9.82
CA LYS B 121 -39.93 -16.10 9.35
C LYS B 121 -38.93 -15.79 10.43
N VAL B 122 -37.66 -16.07 10.15
CA VAL B 122 -36.58 -15.80 11.07
C VAL B 122 -35.59 -14.86 10.37
N LEU B 123 -35.28 -13.74 11.01
CA LEU B 123 -34.36 -12.75 10.43
C LEU B 123 -33.22 -12.39 11.39
N PRO B 124 -32.03 -12.12 10.84
CA PRO B 124 -30.90 -11.76 11.70
C PRO B 124 -31.09 -10.27 12.05
N ALA B 125 -30.70 -9.88 13.25
CA ALA B 125 -30.84 -8.50 13.68
C ALA B 125 -30.13 -7.54 12.73
N SER B 126 -29.18 -8.08 11.97
CA SER B 126 -28.42 -7.33 10.98
C SER B 126 -27.77 -8.35 10.04
N ASN B 127 -27.44 -7.93 8.83
CA ASN B 127 -26.84 -8.82 7.83
C ASN B 127 -25.30 -8.85 7.89
N ARG B 128 -24.74 -8.15 8.86
CA ARG B 128 -23.30 -8.12 9.06
C ARG B 128 -23.02 -8.29 10.55
N SER B 129 -21.83 -8.76 10.90
CA SER B 129 -21.47 -8.96 12.30
C SER B 129 -21.62 -7.67 13.09
N ILE B 130 -21.97 -7.81 14.35
CA ILE B 130 -22.11 -6.68 15.25
C ILE B 130 -21.21 -6.97 16.45
N ILE B 131 -20.56 -5.94 16.97
CA ILE B 131 -19.72 -6.14 18.15
C ILE B 131 -20.42 -5.51 19.34
N LEU B 132 -20.48 -6.26 20.43
CA LEU B 132 -21.12 -5.79 21.65
C LEU B 132 -20.04 -5.23 22.58
N HIS B 133 -20.24 -4.00 23.04
CA HIS B 133 -19.32 -3.35 23.96
C HIS B 133 -20.08 -3.06 25.25
N GLY B 134 -19.37 -3.07 26.37
CA GLY B 134 -20.03 -2.81 27.64
C GLY B 134 -19.28 -1.81 28.50
N GLU B 135 -20.00 -0.79 28.95
CA GLU B 135 -19.44 0.23 29.82
C GLU B 135 -19.78 -0.15 31.25
N GLU B 137 -19.82 0.14 35.60
CA GLU B 137 -20.21 1.12 36.59
C GLU B 137 -19.02 2.05 36.80
N ASP B 138 -17.82 1.47 36.92
CA ASP B 138 -16.61 2.26 37.12
C ASP B 138 -15.95 2.64 35.80
N GLY B 139 -16.75 3.04 34.82
CA GLY B 139 -16.23 3.47 33.54
C GLY B 139 -15.40 2.51 32.68
N THR B 140 -14.97 1.38 33.21
CA THR B 140 -14.17 0.46 32.40
C THR B 140 -14.98 -0.14 31.24
N ILE B 141 -14.35 -0.16 30.05
CA ILE B 141 -14.97 -0.66 28.83
C ILE B 141 -14.50 -2.07 28.43
N VAL B 142 -15.45 -2.98 28.27
CA VAL B 142 -15.14 -4.35 27.87
C VAL B 142 -15.71 -4.57 26.47
N THR B 143 -14.88 -5.03 25.55
CA THR B 143 -15.35 -5.23 24.19
C THR B 143 -15.42 -6.70 23.82
N GLY B 144 -16.57 -7.12 23.33
CA GLY B 144 -16.77 -8.50 22.97
C GLY B 144 -17.88 -9.06 23.83
N GLU B 145 -18.93 -9.54 23.19
CA GLU B 145 -20.09 -10.10 23.89
C GLU B 145 -19.71 -11.04 25.03
N SER B 146 -18.99 -12.11 24.71
CA SER B 146 -18.61 -13.11 25.69
C SER B 146 -17.56 -12.67 26.72
N SER B 147 -17.02 -11.48 26.57
CA SER B 147 -16.01 -10.98 27.51
C SER B 147 -16.66 -10.09 28.56
N ILE B 148 -17.82 -9.55 28.24
CA ILE B 148 -18.49 -8.67 29.16
C ILE B 148 -18.75 -9.33 30.51
N PRO B 149 -19.46 -10.47 30.53
CA PRO B 149 -19.76 -11.18 31.77
C PRO B 149 -18.50 -11.53 32.54
N LYS B 150 -17.47 -11.96 31.81
CA LYS B 150 -16.19 -12.34 32.38
C LYS B 150 -15.46 -11.22 33.10
N ALA B 151 -15.83 -9.98 32.84
CA ALA B 151 -15.17 -8.85 33.49
C ALA B 151 -15.45 -8.82 34.98
N GLY B 152 -16.50 -9.52 35.40
CA GLY B 152 -16.85 -9.57 36.81
C GLY B 152 -17.21 -8.22 37.42
N LYS B 153 -17.52 -7.24 36.59
CA LYS B 153 -17.89 -5.91 37.08
C LYS B 153 -19.38 -5.66 36.89
N LYS B 154 -19.83 -4.47 37.30
CA LYS B 154 -21.23 -4.12 37.18
C LYS B 154 -21.46 -3.37 35.88
N ILE B 155 -22.38 -3.87 35.05
CA ILE B 155 -22.68 -3.25 33.77
C ILE B 155 -23.50 -1.97 33.94
N LYS B 156 -23.06 -0.91 33.27
CA LYS B 156 -23.76 0.36 33.35
C LYS B 156 -24.56 0.62 32.08
N ARG B 157 -23.99 0.22 30.95
CA ARG B 157 -24.61 0.44 29.66
C ARG B 157 -23.94 -0.40 28.56
N VAL B 158 -24.68 -0.79 27.54
CA VAL B 158 -24.07 -1.54 26.44
C VAL B 158 -24.32 -0.80 25.14
N PHE B 159 -23.47 -1.07 24.14
CA PHE B 159 -23.63 -0.42 22.85
C PHE B 159 -23.06 -1.26 21.72
N LEU B 160 -23.62 -1.07 20.53
CA LEU B 160 -23.22 -1.81 19.34
C LEU B 160 -22.24 -1.08 18.43
N THR B 161 -21.60 -1.84 17.55
CA THR B 161 -20.63 -1.35 16.58
C THR B 161 -20.64 -2.35 15.42
N PRO B 162 -20.52 -1.87 14.18
CA PRO B 162 -20.38 -0.48 13.72
C PRO B 162 -21.62 0.38 13.91
N LYS B 163 -21.40 1.67 14.14
CA LYS B 163 -22.47 2.63 14.37
C LYS B 163 -23.48 2.66 13.23
N ASP B 164 -23.00 2.43 12.03
CA ASP B 164 -23.85 2.45 10.83
C ASP B 164 -24.51 1.10 10.59
N THR B 165 -24.57 0.25 11.62
CA THR B 165 -25.21 -1.04 11.49
C THR B 165 -26.68 -0.82 11.12
N LYS B 166 -27.18 -1.60 10.17
CA LYS B 166 -28.56 -1.45 9.75
C LYS B 166 -29.35 -2.75 9.83
N PRO B 167 -30.63 -2.67 10.19
CA PRO B 167 -31.49 -3.85 10.29
C PRO B 167 -32.02 -4.20 8.89
N LEU B 168 -32.69 -5.32 8.77
CA LEU B 168 -33.23 -5.71 7.47
C LEU B 168 -34.55 -5.01 7.26
N ARG B 169 -34.87 -4.73 5.99
CA ARG B 169 -36.13 -4.07 5.65
C ARG B 169 -37.30 -4.92 6.18
N GLU B 170 -37.23 -6.23 5.96
CA GLU B 170 -38.27 -7.15 6.42
C GLU B 170 -38.39 -7.01 7.93
N GLY B 171 -37.29 -6.63 8.57
CA GLY B 171 -37.30 -6.46 10.01
C GLY B 171 -38.25 -5.33 10.38
N LEU B 172 -37.92 -4.11 9.95
CA LEU B 172 -38.77 -2.95 10.24
C LEU B 172 -40.20 -3.23 9.77
N GLU B 173 -40.30 -3.88 8.61
CA GLU B 173 -41.57 -4.22 8.01
C GLU B 173 -42.40 -5.08 8.96
N ALA B 174 -41.79 -6.14 9.49
CA ALA B 174 -42.45 -7.05 10.42
C ALA B 174 -42.87 -6.34 11.70
N ILE B 175 -42.05 -5.42 12.18
CA ILE B 175 -42.39 -4.71 13.41
C ILE B 175 -43.63 -3.83 13.21
N ARG B 176 -43.84 -3.41 11.96
CA ARG B 176 -44.98 -2.58 11.57
C ARG B 176 -46.27 -3.39 11.64
N LYS B 177 -46.35 -4.44 10.83
CA LYS B 177 -47.52 -5.31 10.76
C LYS B 177 -47.82 -6.04 12.05
N ALA B 178 -46.86 -6.00 12.97
CA ALA B 178 -47.00 -6.69 14.24
C ALA B 178 -48.23 -6.31 15.07
N ASP B 179 -48.79 -7.34 15.71
CA ASP B 179 -49.96 -7.24 16.59
C ASP B 179 -49.42 -7.31 18.01
N VAL B 180 -48.34 -8.07 18.17
CA VAL B 180 -47.72 -8.24 19.46
C VAL B 180 -46.22 -8.35 19.34
N ILE B 181 -45.50 -7.61 20.18
CA ILE B 181 -44.05 -7.66 20.18
C ILE B 181 -43.56 -8.18 21.52
N VAL B 182 -42.76 -9.24 21.46
CA VAL B 182 -42.21 -9.89 22.64
C VAL B 182 -40.73 -9.56 22.80
N ILE B 183 -40.38 -8.88 23.89
CA ILE B 183 -38.98 -8.53 24.16
C ILE B 183 -38.50 -9.65 25.07
N GLY B 184 -37.62 -10.50 24.54
CA GLY B 184 -37.11 -11.63 25.31
C GLY B 184 -37.81 -12.89 24.87
N PRO B 185 -37.57 -14.03 25.53
CA PRO B 185 -36.67 -14.15 26.68
C PRO B 185 -35.19 -14.20 26.27
N GLY B 186 -34.31 -14.13 27.27
CA GLY B 186 -32.88 -14.14 26.99
C GLY B 186 -32.12 -13.16 27.85
N SER B 187 -30.79 -13.26 27.84
CA SER B 187 -29.93 -12.39 28.64
C SER B 187 -30.23 -10.91 28.38
N LEU B 188 -30.39 -10.17 29.47
CA LEU B 188 -30.67 -8.74 29.39
C LEU B 188 -29.66 -7.98 28.53
N TYR B 189 -28.40 -8.03 28.93
CA TYR B 189 -27.34 -7.32 28.25
C TYR B 189 -26.63 -8.04 27.10
N THR B 190 -26.60 -9.38 27.11
CA THR B 190 -25.91 -10.08 26.03
C THR B 190 -26.75 -10.67 24.90
N SER B 191 -28.08 -10.49 24.95
CA SER B 191 -28.95 -11.01 23.90
C SER B 191 -30.18 -10.14 23.57
N VAL B 192 -30.84 -9.62 24.59
CA VAL B 192 -32.01 -8.78 24.38
C VAL B 192 -31.64 -7.35 23.98
N LEU B 193 -30.69 -6.74 24.66
CA LEU B 193 -30.31 -5.38 24.31
C LEU B 193 -29.52 -5.30 23.00
N PRO B 194 -28.61 -6.27 22.74
CA PRO B 194 -27.87 -6.18 21.48
C PRO B 194 -28.80 -6.34 20.27
N ASN B 195 -30.02 -6.76 20.53
CA ASN B 195 -31.00 -6.92 19.48
C ASN B 195 -31.71 -5.57 19.35
N LEU B 196 -32.36 -5.17 20.42
CA LEU B 196 -33.07 -3.92 20.45
C LEU B 196 -32.23 -2.71 20.03
N LEU B 197 -30.93 -2.73 20.33
CA LEU B 197 -30.09 -1.59 20.02
C LEU B 197 -29.72 -1.35 18.57
N VAL B 198 -30.18 -2.20 17.66
CA VAL B 198 -29.90 -1.98 16.26
C VAL B 198 -30.59 -0.66 15.92
N PRO B 199 -29.92 0.22 15.17
CA PRO B 199 -30.46 1.53 14.75
C PRO B 199 -31.81 1.44 14.05
N GLY B 200 -32.81 2.13 14.62
CA GLY B 200 -34.12 2.15 14.02
C GLY B 200 -35.12 1.26 14.73
N ILE B 201 -34.61 0.24 15.41
CA ILE B 201 -35.47 -0.72 16.10
C ILE B 201 -36.25 -0.16 17.30
N CYS B 202 -35.58 0.45 18.29
CA CYS B 202 -36.32 0.99 19.44
C CYS B 202 -37.41 1.90 18.85
N GLU B 203 -36.98 2.78 17.95
CA GLU B 203 -37.85 3.75 17.29
C GLU B 203 -39.00 3.06 16.58
N ALA B 204 -38.68 2.07 15.76
CA ALA B 204 -39.69 1.32 15.04
C ALA B 204 -40.68 0.66 16.01
N ILE B 205 -40.17 0.18 17.14
CA ILE B 205 -41.01 -0.46 18.15
C ILE B 205 -41.94 0.52 18.85
N LYS B 206 -41.43 1.71 19.14
CA LYS B 206 -42.22 2.75 19.80
C LYS B 206 -43.41 3.13 18.94
N GLN B 207 -43.15 3.29 17.65
CA GLN B 207 -44.18 3.66 16.69
C GLN B 207 -45.20 2.57 16.50
N SER B 208 -44.77 1.31 16.61
CA SER B 208 -45.69 0.21 16.43
C SER B 208 -46.84 0.42 17.39
N THR B 209 -48.03 -0.04 17.00
CA THR B 209 -49.21 0.12 17.83
C THR B 209 -49.48 -1.21 18.52
N ALA B 210 -48.63 -2.18 18.24
CA ALA B 210 -48.76 -3.50 18.82
C ALA B 210 -48.55 -3.44 20.33
N ARG B 211 -48.99 -4.49 21.02
CA ARG B 211 -48.83 -4.57 22.45
C ARG B 211 -47.46 -5.18 22.72
N LYS B 212 -46.66 -4.51 23.55
CA LYS B 212 -45.33 -4.99 23.86
C LYS B 212 -45.22 -5.73 25.19
N VAL B 213 -44.88 -7.00 25.15
CA VAL B 213 -44.71 -7.77 26.38
C VAL B 213 -43.23 -8.12 26.59
N TYR B 214 -42.73 -7.82 27.78
CA TYR B 214 -41.36 -8.11 28.09
C TYR B 214 -41.27 -9.32 28.99
N ILE B 215 -40.71 -10.41 28.49
CA ILE B 215 -40.57 -11.62 29.28
C ILE B 215 -39.29 -11.48 30.12
N CYS B 216 -39.46 -11.08 31.36
CA CYS B 216 -38.33 -10.86 32.26
C CYS B 216 -37.65 -12.14 32.72
N ASN B 217 -36.35 -12.05 32.94
CA ASN B 217 -35.54 -13.18 33.38
C ASN B 217 -36.00 -13.73 34.72
N VAL B 218 -35.87 -15.03 34.90
CA VAL B 218 -36.27 -15.68 36.14
C VAL B 218 -35.09 -15.74 37.09
N THR B 220 -30.85 -14.50 37.79
CA THR B 220 -29.89 -13.45 37.50
C THR B 220 -28.71 -14.13 36.80
N GLN B 221 -27.72 -13.35 36.42
CA GLN B 221 -26.55 -13.91 35.76
C GLN B 221 -25.28 -13.28 36.28
N ASN B 222 -24.35 -14.12 36.70
CA ASN B 222 -23.09 -13.63 37.22
C ASN B 222 -22.38 -12.74 36.23
N GLY B 223 -22.01 -11.55 36.69
CA GLY B 223 -21.30 -10.60 35.83
C GLY B 223 -22.19 -9.88 34.83
N GLU B 224 -23.50 -9.89 35.04
CA GLU B 224 -24.43 -9.22 34.14
C GLU B 224 -25.60 -8.56 34.86
N THR B 225 -26.31 -9.36 35.65
CA THR B 225 -27.48 -8.86 36.36
C THR B 225 -27.53 -9.24 37.84
N ASP B 226 -26.38 -9.33 38.48
CA ASP B 226 -26.32 -9.69 39.88
C ASP B 226 -27.13 -8.73 40.74
N GLY B 227 -28.05 -9.27 41.53
CA GLY B 227 -28.84 -8.45 42.41
C GLY B 227 -30.03 -7.75 41.78
N TYR B 228 -30.13 -7.78 40.46
CA TYR B 228 -31.23 -7.14 39.77
C TYR B 228 -32.61 -7.70 40.16
N THR B 229 -33.57 -6.81 40.28
CA THR B 229 -34.94 -7.20 40.58
C THR B 229 -35.63 -7.10 39.21
N ALA B 230 -36.94 -7.35 39.18
CA ALA B 230 -37.66 -7.25 37.92
C ALA B 230 -37.54 -5.85 37.35
N SER B 231 -37.70 -4.84 38.20
CA SER B 231 -37.61 -3.46 37.73
C SER B 231 -36.20 -3.08 37.30
N ASP B 232 -35.19 -3.70 37.91
CA ASP B 232 -33.82 -3.39 37.52
C ASP B 232 -33.65 -3.79 36.05
N HIS B 233 -34.27 -4.90 35.66
CA HIS B 233 -34.20 -5.36 34.27
C HIS B 233 -34.95 -4.35 33.37
N LEU B 234 -36.21 -4.08 33.74
CA LEU B 234 -37.05 -3.15 32.99
C LEU B 234 -36.35 -1.82 32.83
N GLN B 235 -35.77 -1.34 33.93
CA GLN B 235 -35.05 -0.06 33.93
C GLN B 235 -33.97 -0.06 32.85
N ALA B 236 -33.05 -1.02 32.92
CA ALA B 236 -31.96 -1.12 31.96
C ALA B 236 -32.47 -1.04 30.52
N ILE B 237 -33.66 -1.58 30.27
CA ILE B 237 -34.21 -1.54 28.93
C ILE B 237 -34.73 -0.14 28.58
N ASP B 239 -33.65 2.58 29.89
CA ASP B 239 -32.49 3.45 29.78
C ASP B 239 -31.87 3.35 28.38
N HIS B 240 -31.77 2.14 27.84
CA HIS B 240 -31.19 1.97 26.51
C HIS B 240 -32.13 2.29 25.34
N CYS B 241 -33.42 2.07 25.54
CA CYS B 241 -34.41 2.32 24.48
C CYS B 241 -35.40 3.46 24.72
N GLY B 242 -35.67 3.80 25.98
CA GLY B 242 -36.63 4.87 26.26
C GLY B 242 -38.02 4.38 26.66
N VAL B 243 -38.93 5.30 26.98
CA VAL B 243 -40.28 4.88 27.36
C VAL B 243 -41.15 4.50 26.18
N GLY B 244 -42.08 3.59 26.43
CA GLY B 244 -42.98 3.16 25.38
C GLY B 244 -42.40 2.02 24.57
N ILE B 245 -41.50 1.29 25.21
CA ILE B 245 -40.85 0.16 24.58
C ILE B 245 -41.47 -1.10 25.17
N VAL B 246 -42.03 -0.96 26.36
CA VAL B 246 -42.65 -2.07 27.08
C VAL B 246 -44.00 -1.66 27.65
N ASP B 247 -45.03 -2.46 27.42
CA ASP B 247 -46.35 -2.17 27.96
C ASP B 247 -46.57 -3.00 29.22
N ASP B 248 -46.40 -4.31 29.09
CA ASP B 248 -46.56 -5.27 30.20
C ASP B 248 -45.31 -6.13 30.33
N ILE B 249 -44.96 -6.47 31.57
CA ILE B 249 -43.80 -7.32 31.81
C ILE B 249 -44.34 -8.62 32.39
N LEU B 250 -43.94 -9.74 31.79
CA LEU B 250 -44.39 -11.04 32.26
C LEU B 250 -43.34 -11.60 33.19
N VAL B 251 -43.74 -11.93 34.42
CA VAL B 251 -42.79 -12.47 35.39
C VAL B 251 -43.22 -13.78 36.04
N HIS B 252 -42.24 -14.50 36.58
CA HIS B 252 -42.54 -15.73 37.29
C HIS B 252 -42.70 -15.33 38.77
N GLY B 253 -43.94 -15.11 39.17
CA GLY B 253 -44.22 -14.66 40.52
C GLY B 253 -44.39 -15.73 41.58
N GLU B 254 -43.84 -16.91 41.32
CA GLU B 254 -43.94 -18.00 42.28
C GLU B 254 -42.56 -18.36 42.80
N PRO B 255 -42.52 -19.25 43.81
CA PRO B 255 -41.21 -19.65 44.35
C PRO B 255 -40.49 -20.64 43.45
N ILE B 256 -39.20 -20.80 43.72
CA ILE B 256 -38.36 -21.74 42.99
C ILE B 256 -37.95 -22.79 44.03
N SER B 257 -37.88 -24.05 43.62
CA SER B 257 -37.51 -25.10 44.57
C SER B 257 -36.15 -24.84 45.22
N ASP B 258 -36.01 -25.27 46.47
CA ASP B 258 -34.77 -25.10 47.20
C ASP B 258 -33.63 -25.80 46.48
N THR B 259 -33.97 -26.86 45.74
CA THR B 259 -32.97 -27.64 45.01
C THR B 259 -32.43 -26.91 43.79
N VAL B 260 -33.34 -26.42 42.95
CA VAL B 260 -32.97 -25.69 41.75
C VAL B 260 -32.23 -24.44 42.19
N LYS B 261 -32.80 -23.75 43.17
CA LYS B 261 -32.23 -22.54 43.72
C LYS B 261 -30.76 -22.76 44.12
N ALA B 262 -30.45 -23.94 44.63
CA ALA B 262 -29.07 -24.25 45.05
C ALA B 262 -28.12 -24.56 43.89
N LYS B 263 -28.62 -25.24 42.86
CA LYS B 263 -27.81 -25.58 41.70
C LYS B 263 -27.33 -24.29 41.03
N TYR B 264 -28.24 -23.33 40.93
CA TYR B 264 -27.96 -22.03 40.34
C TYR B 264 -27.04 -21.23 41.26
N ALA B 265 -27.28 -21.33 42.56
CA ALA B 265 -26.48 -20.63 43.55
C ALA B 265 -25.03 -21.03 43.33
N LYS B 266 -24.81 -22.28 42.93
CA LYS B 266 -23.46 -22.77 42.66
C LYS B 266 -23.01 -22.17 41.34
N GLU B 267 -23.50 -20.97 41.04
CA GLU B 267 -23.18 -20.33 39.79
C GLU B 267 -23.45 -18.84 39.89
N LYS B 268 -23.51 -18.35 41.12
CA LYS B 268 -23.76 -16.95 41.38
C LYS B 268 -24.98 -16.44 40.63
N ALA B 269 -26.04 -17.23 40.67
CA ALA B 269 -27.30 -16.88 40.02
C ALA B 269 -28.39 -16.99 41.06
N GLU B 270 -29.16 -15.93 41.25
CA GLU B 270 -30.25 -15.94 42.22
C GLU B 270 -31.59 -15.67 41.55
N PRO B 271 -32.69 -16.00 42.23
CA PRO B 271 -33.99 -15.73 41.61
C PRO B 271 -34.17 -14.23 41.43
N VAL B 272 -34.85 -13.84 40.37
CA VAL B 272 -35.08 -12.42 40.13
C VAL B 272 -36.31 -12.03 40.94
N ILE B 273 -36.08 -11.21 41.96
CA ILE B 273 -37.15 -10.72 42.83
C ILE B 273 -38.12 -9.86 42.04
N VAL B 274 -39.41 -10.01 42.32
CA VAL B 274 -40.43 -9.24 41.62
C VAL B 274 -40.99 -8.11 42.48
N ASP B 275 -40.56 -6.88 42.22
CA ASP B 275 -41.06 -5.74 42.98
C ASP B 275 -42.28 -5.13 42.31
N GLU B 276 -43.44 -5.70 42.61
CA GLU B 276 -44.71 -5.23 42.06
C GLU B 276 -44.84 -3.70 42.06
N HIS B 277 -44.38 -3.05 43.13
CA HIS B 277 -44.49 -1.60 43.25
C HIS B 277 -43.63 -0.78 42.31
N LYS B 278 -42.32 -1.01 42.34
CA LYS B 278 -41.42 -0.28 41.46
C LYS B 278 -41.86 -0.49 40.01
N LEU B 279 -42.37 -1.67 39.72
CA LEU B 279 -42.83 -2.01 38.37
C LEU B 279 -44.01 -1.12 37.97
N LYS B 280 -44.98 -0.99 38.86
CA LYS B 280 -46.15 -0.16 38.59
C LYS B 280 -45.71 1.28 38.49
N ALA B 281 -44.63 1.61 39.20
CA ALA B 281 -44.10 2.96 39.17
C ALA B 281 -43.55 3.27 37.78
N LEU B 282 -42.91 2.27 37.18
CA LEU B 282 -42.32 2.43 35.86
C LEU B 282 -43.39 2.44 34.76
N GLY B 283 -44.65 2.43 35.17
CA GLY B 283 -45.75 2.49 34.22
C GLY B 283 -46.07 1.32 33.31
N VAL B 284 -45.75 0.11 33.75
CA VAL B 284 -46.03 -1.06 32.95
C VAL B 284 -46.97 -1.98 33.73
N GLY B 285 -47.71 -2.81 32.99
CA GLY B 285 -48.60 -3.75 33.63
C GLY B 285 -47.83 -5.03 33.96
N THR B 286 -48.31 -5.79 34.95
CA THR B 286 -47.63 -7.00 35.35
C THR B 286 -48.42 -8.27 35.09
N ILE B 287 -47.82 -9.19 34.33
CA ILE B 287 -48.43 -10.49 34.04
C ILE B 287 -47.67 -11.44 34.96
N SER B 288 -48.30 -11.80 36.08
CA SER B 288 -47.64 -12.69 37.04
C SER B 288 -48.37 -14.02 37.15
N ASP B 289 -47.62 -15.12 37.15
CA ASP B 289 -48.22 -16.46 37.24
C ASP B 289 -47.08 -17.46 37.38
N TYR B 290 -47.40 -18.74 37.56
CA TYR B 290 -46.36 -19.76 37.65
C TYR B 290 -45.94 -20.01 36.20
N PHE B 291 -44.85 -19.37 35.79
CA PHE B 291 -44.40 -19.50 34.41
C PHE B 291 -43.15 -20.32 34.12
N VAL B 292 -42.76 -21.25 34.99
CA VAL B 292 -41.57 -22.03 34.69
C VAL B 292 -41.70 -23.47 35.10
N LEU B 293 -40.76 -24.28 34.68
CA LEU B 293 -40.76 -25.68 35.03
C LEU B 293 -39.34 -26.25 34.99
N GLU B 294 -39.04 -27.10 35.98
CA GLU B 294 -37.73 -27.73 36.10
C GLU B 294 -37.45 -28.78 35.04
N GLN B 295 -36.18 -28.88 34.66
CA GLN B 295 -35.75 -29.84 33.66
C GLN B 295 -34.38 -30.37 34.11
N ASP B 296 -34.39 -31.21 35.13
CA ASP B 296 -33.16 -31.78 35.66
C ASP B 296 -32.40 -30.64 36.36
N ASP B 297 -33.08 -30.02 37.32
CA ASP B 297 -32.52 -28.92 38.10
C ASP B 297 -32.24 -27.66 37.28
N VAL B 298 -32.87 -27.55 36.12
CA VAL B 298 -32.71 -26.36 35.28
C VAL B 298 -34.07 -25.80 34.91
N LEU B 299 -34.18 -24.48 34.96
CA LEU B 299 -35.43 -23.81 34.67
C LEU B 299 -35.62 -23.39 33.22
N ARG B 300 -36.77 -23.77 32.67
CA ARG B 300 -37.14 -23.40 31.30
C ARG B 300 -38.49 -22.70 31.45
N HIS B 301 -38.90 -21.93 30.44
CA HIS B 301 -40.12 -21.16 30.55
C HIS B 301 -41.51 -21.77 30.38
N ASN B 302 -41.65 -22.95 29.80
CA ASN B 302 -43.00 -23.49 29.63
C ASN B 302 -43.71 -22.59 28.59
N ALA B 303 -43.37 -22.83 27.33
CA ALA B 303 -43.90 -22.07 26.20
C ALA B 303 -45.41 -21.96 26.16
N SER B 304 -46.11 -23.07 26.38
CA SER B 304 -47.57 -23.11 26.35
C SER B 304 -48.17 -21.99 27.20
N LYS B 305 -47.88 -22.05 28.50
CA LYS B 305 -48.40 -21.07 29.44
C LYS B 305 -48.04 -19.65 29.04
N VAL B 306 -46.76 -19.43 28.80
CA VAL B 306 -46.31 -18.10 28.42
C VAL B 306 -46.92 -17.60 27.11
N SER B 307 -46.94 -18.45 26.08
CA SER B 307 -47.51 -18.05 24.80
C SER B 307 -48.95 -17.60 24.99
N GLU B 308 -49.71 -18.40 25.74
CA GLU B 308 -51.11 -18.10 26.01
C GLU B 308 -51.23 -16.72 26.66
N ALA B 309 -50.40 -16.47 27.66
CA ALA B 309 -50.41 -15.20 28.38
C ALA B 309 -50.14 -13.99 27.50
N ILE B 310 -49.01 -13.98 26.81
CA ILE B 310 -48.65 -12.85 25.97
C ILE B 310 -49.67 -12.62 24.84
N LEU B 311 -50.44 -13.65 24.50
CA LEU B 311 -51.44 -13.52 23.44
C LEU B 311 -52.75 -13.07 24.08
N GLU B 312 -52.62 -12.48 25.27
CA GLU B 312 -53.75 -12.02 26.06
C GLU B 312 -54.49 -13.22 26.60
N LYS C 2 4.35 57.05 -24.49
CA LYS C 2 3.63 56.01 -23.68
C LYS C 2 4.18 54.61 -23.92
N LYS C 3 4.25 53.82 -22.86
CA LYS C 3 4.76 52.45 -22.93
C LYS C 3 3.77 51.51 -23.61
N LYS C 4 4.17 50.93 -24.74
CA LYS C 4 3.33 50.01 -25.49
C LYS C 4 3.57 48.57 -25.02
N ASN C 5 2.53 47.98 -24.43
CA ASN C 5 2.60 46.60 -23.90
C ASN C 5 2.87 45.51 -24.93
N VAL C 6 3.81 44.62 -24.60
CA VAL C 6 4.18 43.52 -25.49
C VAL C 6 4.28 42.20 -24.73
N VAL C 7 3.71 41.15 -25.30
CA VAL C 7 3.79 39.82 -24.70
C VAL C 7 4.52 38.96 -25.72
N VAL C 8 5.59 38.30 -25.29
CA VAL C 8 6.36 37.46 -26.17
C VAL C 8 6.30 35.99 -25.80
N PHE C 9 5.87 35.18 -26.76
CA PHE C 9 5.77 33.73 -26.59
C PHE C 9 6.86 33.09 -27.43
N GLY C 10 8.03 32.85 -26.85
CA GLY C 10 9.10 32.23 -27.61
C GLY C 10 9.88 31.25 -26.77
N GLY C 11 11.14 31.04 -27.14
CA GLY C 11 11.96 30.13 -26.38
C GLY C 11 13.32 29.97 -27.03
N GLY C 12 14.28 29.53 -26.24
CA GLY C 12 15.62 29.32 -26.74
C GLY C 12 16.47 30.58 -26.95
N THR C 13 17.62 30.35 -27.56
CA THR C 13 18.59 31.40 -27.86
C THR C 13 17.95 32.54 -28.66
N GLY C 14 16.98 32.22 -29.49
CA GLY C 14 16.32 33.24 -30.28
C GLY C 14 15.61 34.28 -29.43
N LEU C 15 14.85 33.82 -28.44
CA LEU C 15 14.11 34.73 -27.56
C LEU C 15 15.02 35.67 -26.77
N SER C 16 16.08 35.12 -26.20
CA SER C 16 17.05 35.90 -25.42
C SER C 16 17.64 37.04 -26.23
N VAL C 17 18.15 36.72 -27.42
CA VAL C 17 18.74 37.74 -28.29
C VAL C 17 17.74 38.87 -28.54
N LEU C 18 16.52 38.51 -28.91
CA LEU C 18 15.49 39.51 -29.15
C LEU C 18 15.28 40.36 -27.90
N LEU C 19 14.84 39.70 -26.83
CA LEU C 19 14.58 40.38 -25.58
C LEU C 19 15.69 41.33 -25.13
N ARG C 20 16.94 41.01 -25.45
CA ARG C 20 18.05 41.85 -25.03
C ARG C 20 18.03 43.24 -25.71
N GLY C 21 17.58 43.28 -26.95
CA GLY C 21 17.49 44.54 -27.68
C GLY C 21 16.11 45.16 -27.58
N LEU C 22 15.10 44.31 -27.54
CA LEU C 22 13.71 44.76 -27.46
C LEU C 22 13.37 45.39 -26.11
N LYS C 23 14.23 45.19 -25.11
CA LYS C 23 13.97 45.77 -23.79
C LYS C 23 14.35 47.23 -23.71
N THR C 24 15.22 47.64 -24.63
CA THR C 24 15.69 49.02 -24.66
C THR C 24 14.60 49.97 -25.19
N PHE C 25 13.80 49.47 -26.13
CA PHE C 25 12.71 50.26 -26.72
C PHE C 25 11.67 50.68 -25.65
N PRO C 26 10.87 51.70 -25.95
CA PRO C 26 9.85 52.19 -25.01
C PRO C 26 8.65 51.24 -24.92
N VAL C 27 8.87 50.09 -24.29
CA VAL C 27 7.83 49.09 -24.16
C VAL C 27 7.87 48.41 -22.81
N SER C 28 6.74 47.82 -22.44
CA SER C 28 6.61 47.08 -21.18
C SER C 28 6.52 45.61 -21.57
N ILE C 29 7.62 44.87 -21.37
CA ILE C 29 7.64 43.46 -21.76
C ILE C 29 7.14 42.45 -20.74
N THR C 30 6.55 41.38 -21.27
CA THR C 30 6.02 40.25 -20.51
C THR C 30 6.33 39.05 -21.38
N ALA C 31 7.28 38.22 -20.95
CA ALA C 31 7.63 37.05 -21.74
C ALA C 31 7.17 35.78 -21.04
N ILE C 32 6.41 34.98 -21.75
CA ILE C 32 5.90 33.72 -21.21
C ILE C 32 6.79 32.61 -21.78
N VAL C 33 7.57 32.00 -20.89
CA VAL C 33 8.53 30.98 -21.27
C VAL C 33 8.06 29.53 -21.14
N THR C 34 8.43 28.71 -22.12
CA THR C 34 8.06 27.30 -22.15
C THR C 34 8.67 26.49 -21.01
N VAL C 35 7.94 25.50 -20.52
CA VAL C 35 8.43 24.65 -19.45
C VAL C 35 8.22 23.19 -19.83
N ALA C 36 8.52 22.88 -21.09
CA ALA C 36 8.36 21.53 -21.59
C ALA C 36 9.71 20.87 -21.93
N ASP C 37 10.77 21.66 -21.94
CA ASP C 37 12.09 21.13 -22.24
C ASP C 37 12.48 20.10 -21.19
N ASP C 38 13.16 19.04 -21.60
CA ASP C 38 13.52 17.99 -20.67
C ASP C 38 14.90 17.37 -20.89
N GLY C 39 15.77 18.10 -21.57
CA GLY C 39 17.11 17.60 -21.81
C GLY C 39 18.16 18.43 -21.07
N GLY C 40 19.40 17.99 -21.12
CA GLY C 40 20.48 18.73 -20.47
C GLY C 40 20.26 19.00 -18.99
N SER C 41 20.83 20.09 -18.51
CA SER C 41 20.75 20.51 -17.11
C SER C 41 19.31 20.64 -16.62
N SER C 42 18.48 21.36 -17.37
CA SER C 42 17.09 21.54 -16.99
C SER C 42 16.40 20.19 -16.96
N GLY C 43 16.75 19.33 -17.91
CA GLY C 43 16.14 18.02 -17.95
C GLY C 43 16.39 17.22 -16.69
N ARG C 44 17.60 17.30 -16.16
CA ARG C 44 17.92 16.55 -14.96
C ARG C 44 17.33 17.18 -13.71
N LEU C 45 17.41 18.50 -13.61
CA LEU C 45 16.87 19.15 -12.44
C LEU C 45 15.37 18.87 -12.30
N ARG C 46 14.63 18.89 -13.40
CA ARG C 46 13.20 18.63 -13.32
C ARG C 46 12.93 17.17 -12.96
N LYS C 47 13.89 16.31 -13.25
CA LYS C 47 13.73 14.91 -12.95
C LYS C 47 14.03 14.59 -11.50
N GLU C 48 15.20 15.01 -11.00
CA GLU C 48 15.55 14.71 -9.61
C GLU C 48 15.21 15.76 -8.56
N LEU C 49 14.61 16.88 -8.97
CA LEU C 49 14.24 17.93 -8.03
C LEU C 49 12.74 18.18 -8.05
N ASP C 50 12.08 17.72 -9.12
CA ASP C 50 10.64 17.88 -9.30
C ASP C 50 10.20 19.33 -9.39
N ILE C 51 10.86 20.06 -10.28
CA ILE C 51 10.57 21.46 -10.51
C ILE C 51 10.42 21.63 -12.01
N PRO C 52 9.83 22.73 -12.46
CA PRO C 52 9.73 22.87 -13.91
C PRO C 52 11.13 23.16 -14.45
N PRO C 53 11.42 22.79 -15.70
CA PRO C 53 12.76 23.08 -16.22
C PRO C 53 13.05 24.59 -16.13
N PRO C 54 14.18 24.97 -15.50
CA PRO C 54 14.52 26.39 -15.36
C PRO C 54 15.38 27.00 -16.49
N GLY C 55 16.10 26.16 -17.21
CA GLY C 55 16.96 26.64 -18.29
C GLY C 55 16.47 27.80 -19.15
N ASP C 56 15.34 27.60 -19.84
CA ASP C 56 14.81 28.65 -20.72
C ASP C 56 14.48 29.95 -19.98
N VAL C 57 14.02 29.83 -18.73
CA VAL C 57 13.68 30.99 -17.90
C VAL C 57 14.98 31.70 -17.50
N ARG C 58 16.00 30.91 -17.17
CA ARG C 58 17.27 31.47 -16.79
C ARG C 58 17.77 32.41 -17.88
N ASN C 59 17.79 31.93 -19.12
CA ASN C 59 18.25 32.75 -20.22
C ASN C 59 17.42 34.01 -20.43
N VAL C 60 16.10 33.88 -20.36
CA VAL C 60 15.25 35.04 -20.54
C VAL C 60 15.54 36.00 -19.40
N LEU C 61 15.61 35.44 -18.21
CA LEU C 61 15.89 36.19 -16.99
C LEU C 61 17.16 37.02 -17.12
N VAL C 62 18.23 36.41 -17.62
CA VAL C 62 19.52 37.10 -17.79
C VAL C 62 19.49 38.13 -18.92
N ALA C 63 18.65 37.89 -19.91
CA ALA C 63 18.53 38.78 -21.04
C ALA C 63 17.90 40.12 -20.65
N LEU C 64 16.99 40.10 -19.68
CA LEU C 64 16.33 41.32 -19.25
C LEU C 64 16.95 41.89 -17.97
N SER C 65 18.05 41.28 -17.52
CA SER C 65 18.71 41.71 -16.30
C SER C 65 19.56 42.96 -16.44
N GLU C 66 19.72 43.67 -15.34
CA GLU C 66 20.53 44.89 -15.27
C GLU C 66 21.47 44.77 -14.06
N VAL C 67 22.45 43.88 -14.17
CA VAL C 67 23.41 43.67 -13.09
C VAL C 67 24.82 43.80 -13.67
N GLU C 68 25.82 43.86 -12.80
CA GLU C 68 27.20 43.98 -13.25
C GLU C 68 27.54 42.77 -14.11
N PRO C 69 28.45 42.95 -15.08
CA PRO C 69 28.88 41.87 -15.98
C PRO C 69 29.37 40.64 -15.23
N LEU C 70 30.14 40.89 -14.17
CA LEU C 70 30.69 39.82 -13.36
C LEU C 70 29.55 38.94 -12.84
N LEU C 71 28.51 39.59 -12.32
CA LEU C 71 27.35 38.88 -11.81
C LEU C 71 26.67 38.09 -12.93
N GLU C 72 26.37 38.78 -14.02
CA GLU C 72 25.76 38.14 -15.17
C GLU C 72 26.54 36.87 -15.51
N GLN C 73 27.86 36.95 -15.49
CA GLN C 73 28.68 35.77 -15.78
C GLN C 73 28.42 34.70 -14.73
N LEU C 74 28.26 35.13 -13.49
CA LEU C 74 28.01 34.17 -12.42
C LEU C 74 26.71 33.42 -12.70
N PHE C 75 25.63 34.16 -12.91
CA PHE C 75 24.33 33.55 -13.17
C PHE C 75 24.33 32.60 -14.38
N GLN C 76 25.30 32.78 -15.27
CA GLN C 76 25.41 31.96 -16.48
C GLN C 76 26.46 30.88 -16.37
N HIS C 77 27.22 30.90 -15.28
CA HIS C 77 28.28 29.93 -15.06
C HIS C 77 27.82 28.48 -15.14
N ARG C 78 28.65 27.62 -15.71
CA ARG C 78 28.33 26.20 -15.84
C ARG C 78 29.50 25.31 -15.37
N PHE C 79 29.19 24.34 -14.50
CA PHE C 79 30.18 23.43 -13.95
C PHE C 79 30.62 22.37 -14.97
N GLU C 80 31.91 22.03 -14.93
CA GLU C 80 32.47 21.05 -15.86
C GLU C 80 32.99 19.78 -15.17
N ASN C 81 33.05 19.79 -13.84
CA ASN C 81 33.51 18.64 -13.06
C ASN C 81 32.64 18.46 -11.82
N GLY C 82 32.59 17.23 -11.32
CA GLY C 82 31.78 16.96 -10.15
C GLY C 82 30.80 15.84 -10.44
N ASN C 83 30.90 15.30 -11.66
CA ASN C 83 30.06 14.21 -12.13
C ASN C 83 28.82 14.05 -11.25
N GLY C 84 27.94 15.04 -11.37
CA GLY C 84 26.71 15.08 -10.60
C GLY C 84 26.41 16.57 -10.50
N LEU C 85 27.48 17.35 -10.65
CA LEU C 85 27.43 18.80 -10.62
C LEU C 85 27.83 19.26 -12.00
N SER C 86 28.54 18.39 -12.70
CA SER C 86 29.02 18.68 -14.05
C SER C 86 27.90 18.89 -15.07
N GLY C 87 28.05 19.91 -15.92
CA GLY C 87 27.07 20.19 -16.94
C GLY C 87 25.95 21.11 -16.49
N HIS C 88 25.81 21.26 -15.16
CA HIS C 88 24.76 22.11 -14.59
C HIS C 88 25.06 23.58 -14.67
N SER C 89 24.00 24.39 -14.65
CA SER C 89 24.12 25.83 -14.72
C SER C 89 23.87 26.45 -13.36
N LEU C 90 24.79 27.30 -12.89
CA LEU C 90 24.59 27.93 -11.59
C LEU C 90 23.27 28.71 -11.57
N GLY C 91 22.95 29.35 -12.68
CA GLY C 91 21.71 30.09 -12.77
C GLY C 91 20.52 29.16 -12.59
N ASN C 92 20.65 27.95 -13.14
CA ASN C 92 19.60 26.94 -13.03
C ASN C 92 19.44 26.60 -11.57
N LEU C 93 20.54 26.20 -10.95
CA LEU C 93 20.59 25.82 -9.55
C LEU C 93 20.07 26.96 -8.70
N LEU C 94 20.44 28.18 -9.07
CA LEU C 94 19.98 29.34 -8.32
C LEU C 94 18.45 29.37 -8.32
N LEU C 95 17.86 29.21 -9.50
CA LEU C 95 16.40 29.18 -9.65
C LEU C 95 15.78 28.00 -8.93
N ALA C 96 16.36 26.82 -9.12
CA ALA C 96 15.87 25.59 -8.49
C ALA C 96 15.73 25.80 -7.00
N GLY C 97 16.81 26.28 -6.37
CA GLY C 97 16.78 26.50 -4.94
C GLY C 97 15.67 27.46 -4.54
N THR C 99 12.77 28.10 -6.12
CA THR C 99 11.44 27.50 -6.22
C THR C 99 11.21 26.49 -5.10
N SER C 100 12.28 25.86 -4.63
CA SER C 100 12.16 24.91 -3.54
C SER C 100 11.78 25.66 -2.27
N ILE C 101 12.42 26.79 -2.04
CA ILE C 101 12.17 27.61 -0.86
C ILE C 101 10.76 28.20 -0.87
N THR C 102 10.36 28.77 -2.00
CA THR C 102 9.04 29.39 -2.10
C THR C 102 7.96 28.36 -2.43
N GLY C 103 8.39 27.16 -2.83
CA GLY C 103 7.44 26.12 -3.17
C GLY C 103 6.61 26.48 -4.38
N ASP C 104 7.02 27.54 -5.07
CA ASP C 104 6.30 28.01 -6.23
C ASP C 104 7.32 28.44 -7.31
N PHE C 105 7.19 27.90 -8.51
CA PHE C 105 8.11 28.22 -9.59
C PHE C 105 8.00 29.66 -10.04
N ALA C 106 6.78 30.12 -10.28
CA ALA C 106 6.57 31.49 -10.72
C ALA C 106 7.01 32.49 -9.65
N ARG C 107 6.85 32.10 -8.40
CA ARG C 107 7.24 32.96 -7.30
C ARG C 107 8.76 33.04 -7.26
N GLY C 108 9.41 31.90 -7.47
CA GLY C 108 10.86 31.88 -7.47
C GLY C 108 11.37 32.77 -8.58
N ILE C 109 10.72 32.70 -9.74
CA ILE C 109 11.11 33.52 -10.88
C ILE C 109 10.88 35.00 -10.55
N SER C 110 9.80 35.28 -9.83
CA SER C 110 9.49 36.65 -9.43
C SER C 110 10.66 37.19 -8.63
N GLU C 111 11.00 36.48 -7.55
CA GLU C 111 12.12 36.87 -6.68
C GLU C 111 13.39 37.04 -7.48
N SER C 113 13.73 37.80 -10.45
CA SER C 113 13.63 38.99 -11.27
C SER C 113 14.09 40.20 -10.46
N LYS C 114 13.71 40.23 -9.18
CA LYS C 114 14.08 41.33 -8.28
C LYS C 114 15.60 41.40 -8.14
N VAL C 115 16.21 40.26 -7.79
CA VAL C 115 17.65 40.17 -7.62
C VAL C 115 18.39 40.67 -8.87
N LEU C 116 18.05 40.10 -10.01
CA LEU C 116 18.71 40.47 -11.27
C LEU C 116 18.24 41.81 -11.83
N ASN C 117 17.41 42.52 -11.06
CA ASN C 117 16.88 43.81 -11.50
C ASN C 117 16.37 43.65 -12.92
N VAL C 118 15.50 42.67 -13.11
CA VAL C 118 14.95 42.41 -14.43
C VAL C 118 14.10 43.59 -14.92
N ARG C 119 14.37 43.97 -16.16
CA ARG C 119 13.69 45.08 -16.83
C ARG C 119 12.44 44.53 -17.51
N GLY C 120 11.37 44.36 -16.73
CA GLY C 120 10.12 43.83 -17.26
C GLY C 120 9.55 42.70 -16.41
N LYS C 121 8.63 41.92 -16.97
CA LYS C 121 8.02 40.81 -16.25
C LYS C 121 8.19 39.53 -17.04
N VAL C 122 8.55 38.45 -16.36
CA VAL C 122 8.75 37.16 -17.01
C VAL C 122 7.98 36.09 -16.23
N LEU C 123 7.15 35.34 -16.95
CA LEU C 123 6.31 34.30 -16.35
C LEU C 123 6.49 32.96 -17.02
N PRO C 124 6.40 31.85 -16.23
CA PRO C 124 6.55 30.52 -16.80
C PRO C 124 5.24 30.17 -17.51
N ALA C 125 5.33 29.32 -18.53
CA ALA C 125 4.16 28.91 -19.30
C ALA C 125 3.18 28.17 -18.40
N SER C 126 3.69 27.70 -17.26
CA SER C 126 2.89 26.99 -16.29
C SER C 126 3.71 26.89 -15.01
N ASN C 127 3.02 26.83 -13.88
CA ASN C 127 3.71 26.76 -12.60
C ASN C 127 4.12 25.33 -12.28
N ARG C 128 3.90 24.44 -13.23
CA ARG C 128 4.26 23.05 -13.03
C ARG C 128 4.83 22.48 -14.33
N SER C 129 5.72 21.50 -14.17
CA SER C 129 6.35 20.82 -15.29
C SER C 129 5.33 20.38 -16.34
N ILE C 130 5.76 20.35 -17.60
CA ILE C 130 4.92 19.91 -18.72
C ILE C 130 5.71 18.96 -19.63
N ILE C 131 5.01 17.99 -20.22
CA ILE C 131 5.68 17.06 -21.13
C ILE C 131 5.19 17.29 -22.55
N LEU C 132 6.13 17.34 -23.48
CA LEU C 132 5.80 17.53 -24.88
C LEU C 132 5.83 16.18 -25.61
N HIS C 133 4.77 15.93 -26.37
CA HIS C 133 4.67 14.69 -27.12
C HIS C 133 4.52 15.05 -28.59
N GLY C 134 5.03 14.18 -29.47
CA GLY C 134 4.90 14.43 -30.89
C GLY C 134 4.32 13.24 -31.64
N GLU C 135 3.31 13.50 -32.47
CA GLU C 135 2.71 12.45 -33.28
C GLU C 135 3.35 12.60 -34.64
N GLU C 137 4.36 11.81 -38.70
CA GLU C 137 3.66 11.68 -39.96
C GLU C 137 3.18 10.25 -40.11
N ASP C 138 4.06 9.30 -39.76
CA ASP C 138 3.75 7.87 -39.87
C ASP C 138 3.00 7.30 -38.66
N GLY C 139 2.51 8.18 -37.79
CA GLY C 139 1.76 7.75 -36.64
C GLY C 139 2.53 7.36 -35.38
N THR C 140 3.85 7.24 -35.46
CA THR C 140 4.63 6.86 -34.28
C THR C 140 4.63 8.02 -33.27
N ILE C 141 4.55 7.67 -31.99
CA ILE C 141 4.52 8.68 -30.94
C ILE C 141 5.84 8.78 -30.19
N VAL C 142 6.29 10.02 -30.00
CA VAL C 142 7.54 10.29 -29.29
C VAL C 142 7.24 11.17 -28.08
N THR C 143 7.66 10.72 -26.90
CA THR C 143 7.44 11.47 -25.67
C THR C 143 8.74 12.07 -25.12
N GLY C 144 8.69 13.38 -24.86
CA GLY C 144 9.85 14.08 -24.34
C GLY C 144 10.38 15.06 -25.37
N GLU C 145 10.33 16.34 -25.03
CA GLU C 145 10.81 17.41 -25.92
C GLU C 145 12.14 17.13 -26.60
N SER C 146 13.17 16.83 -25.82
CA SER C 146 14.48 16.56 -26.38
C SER C 146 14.56 15.31 -27.25
N SER C 147 13.58 14.42 -27.13
CA SER C 147 13.61 13.20 -27.92
C SER C 147 12.89 13.25 -29.25
N ILE C 148 12.06 14.28 -29.44
CA ILE C 148 11.31 14.41 -30.67
C ILE C 148 12.20 14.58 -31.91
N PRO C 149 13.11 15.57 -31.90
CA PRO C 149 13.99 15.79 -33.05
C PRO C 149 14.86 14.58 -33.40
N LYS C 150 15.15 13.74 -32.41
CA LYS C 150 16.00 12.58 -32.61
C LYS C 150 15.31 11.39 -33.28
N ALA C 151 14.03 11.53 -33.59
CA ALA C 151 13.32 10.43 -34.25
C ALA C 151 13.65 10.44 -35.74
N GLY C 152 14.06 11.60 -36.23
CA GLY C 152 14.40 11.71 -37.65
C GLY C 152 13.19 11.74 -38.57
N LYS C 153 12.02 11.38 -38.03
CA LYS C 153 10.80 11.37 -38.82
C LYS C 153 10.24 12.77 -39.02
N LYS C 154 9.11 12.85 -39.72
CA LYS C 154 8.45 14.10 -40.01
C LYS C 154 7.29 14.32 -39.02
N ILE C 155 7.34 15.44 -38.31
CA ILE C 155 6.32 15.77 -37.33
C ILE C 155 4.97 16.13 -37.95
N LYS C 156 3.91 15.64 -37.34
CA LYS C 156 2.55 15.89 -37.80
C LYS C 156 1.79 16.73 -36.78
N ARG C 157 2.10 16.51 -35.50
CA ARG C 157 1.42 17.22 -34.44
C ARG C 157 2.13 17.05 -33.08
N VAL C 158 2.06 18.07 -32.23
CA VAL C 158 2.66 17.99 -30.90
C VAL C 158 1.56 18.32 -29.90
N PHE C 159 1.60 17.67 -28.73
CA PHE C 159 0.61 17.92 -27.68
C PHE C 159 1.21 17.86 -26.28
N LEU C 160 0.60 18.61 -25.37
CA LEU C 160 1.05 18.70 -23.99
C LEU C 160 0.38 17.76 -23.01
N THR C 161 1.06 17.51 -21.91
CA THR C 161 0.61 16.66 -20.82
C THR C 161 1.20 17.31 -19.58
N PRO C 162 0.46 17.32 -18.46
CA PRO C 162 -0.89 16.76 -18.32
C PRO C 162 -1.92 17.59 -19.05
N LYS C 163 -3.14 17.08 -19.17
CA LYS C 163 -4.19 17.79 -19.87
C LYS C 163 -4.68 18.96 -19.03
N ASP C 164 -4.71 18.77 -17.72
CA ASP C 164 -5.17 19.80 -16.79
C ASP C 164 -4.13 20.88 -16.52
N THR C 165 -3.14 21.00 -17.41
CA THR C 165 -2.10 22.02 -17.28
C THR C 165 -2.75 23.38 -17.32
N LYS C 166 -2.40 24.24 -16.37
CA LYS C 166 -3.00 25.57 -16.32
C LYS C 166 -1.96 26.69 -16.38
N PRO C 167 -2.27 27.75 -17.16
CA PRO C 167 -1.40 28.91 -17.34
C PRO C 167 -1.56 29.86 -16.17
N LEU C 168 -0.57 30.70 -15.90
CA LEU C 168 -0.67 31.63 -14.79
C LEU C 168 -1.74 32.69 -15.02
N ARG C 169 -2.48 33.04 -13.97
CA ARG C 169 -3.51 34.04 -14.10
C ARG C 169 -2.90 35.33 -14.66
N GLU C 170 -1.63 35.56 -14.32
CA GLU C 170 -0.92 36.75 -14.79
C GLU C 170 -0.73 36.65 -16.30
N GLY C 171 -0.45 35.44 -16.78
CA GLY C 171 -0.27 35.22 -18.19
C GLY C 171 -1.50 35.61 -19.00
N LEU C 172 -2.67 35.12 -18.57
CA LEU C 172 -3.91 35.46 -19.26
C LEU C 172 -4.09 36.97 -19.25
N GLU C 173 -3.90 37.56 -18.07
CA GLU C 173 -4.03 39.00 -17.88
C GLU C 173 -3.09 39.73 -18.83
N ALA C 174 -1.80 39.40 -18.78
CA ALA C 174 -0.81 40.01 -19.65
C ALA C 174 -1.29 40.01 -21.09
N ILE C 175 -1.85 38.88 -21.52
CA ILE C 175 -2.34 38.77 -22.89
C ILE C 175 -3.54 39.68 -23.13
N ARG C 176 -4.44 39.76 -22.16
CA ARG C 176 -5.61 40.62 -22.30
C ARG C 176 -5.20 42.07 -22.60
N LYS C 177 -4.22 42.57 -21.84
CA LYS C 177 -3.75 43.95 -22.00
C LYS C 177 -2.76 44.19 -23.14
N ALA C 178 -2.21 43.12 -23.70
CA ALA C 178 -1.22 43.26 -24.77
C ALA C 178 -1.61 44.24 -25.89
N ASP C 179 -0.67 45.07 -26.30
CA ASP C 179 -0.91 45.99 -27.40
C ASP C 179 -0.38 45.25 -28.60
N VAL C 180 0.58 44.38 -28.36
CA VAL C 180 1.19 43.56 -29.41
C VAL C 180 1.48 42.19 -28.81
N ILE C 181 1.27 41.15 -29.62
CA ILE C 181 1.53 39.78 -29.19
C ILE C 181 2.51 39.18 -30.17
N VAL C 182 3.69 38.83 -29.66
CA VAL C 182 4.73 38.25 -30.50
C VAL C 182 4.84 36.75 -30.35
N ILE C 183 4.62 36.03 -31.45
CA ILE C 183 4.73 34.58 -31.46
C ILE C 183 6.14 34.32 -31.97
N GLY C 184 6.93 33.60 -31.18
CA GLY C 184 8.30 33.33 -31.57
C GLY C 184 9.14 34.49 -31.05
N PRO C 185 10.44 34.56 -31.36
CA PRO C 185 11.18 33.58 -32.17
C PRO C 185 11.52 32.29 -31.40
N GLY C 186 11.84 31.24 -32.16
CA GLY C 186 12.19 29.96 -31.54
C GLY C 186 11.69 28.76 -32.31
N SER C 187 12.19 27.58 -31.93
CA SER C 187 11.79 26.31 -32.57
C SER C 187 10.28 26.21 -32.62
N LEU C 188 9.75 25.95 -33.81
CA LEU C 188 8.30 25.84 -34.00
C LEU C 188 7.64 24.79 -33.12
N TYR C 189 8.11 23.55 -33.24
CA TYR C 189 7.55 22.45 -32.49
C TYR C 189 8.07 22.25 -31.07
N THR C 190 9.31 22.62 -30.80
CA THR C 190 9.83 22.41 -29.46
C THR C 190 9.89 23.61 -28.52
N SER C 191 9.56 24.78 -29.00
CA SER C 191 9.59 25.96 -28.14
C SER C 191 8.34 26.83 -28.19
N VAL C 192 7.91 27.18 -29.41
CA VAL C 192 6.73 28.02 -29.63
C VAL C 192 5.42 27.29 -29.35
N LEU C 193 5.16 26.21 -30.08
CA LEU C 193 3.93 25.44 -29.90
C LEU C 193 3.72 24.97 -28.44
N PRO C 194 4.76 24.40 -27.81
CA PRO C 194 4.56 23.97 -26.42
C PRO C 194 4.21 25.13 -25.50
N ASN C 195 4.40 26.34 -25.99
CA ASN C 195 4.11 27.54 -25.22
C ASN C 195 2.67 27.96 -25.50
N LEU C 196 2.29 27.89 -26.76
CA LEU C 196 0.95 28.27 -27.19
C LEU C 196 -0.10 27.24 -26.82
N LEU C 197 0.29 25.96 -26.83
CA LEU C 197 -0.63 24.87 -26.53
C LEU C 197 -1.08 24.74 -25.09
N VAL C 198 -0.64 25.64 -24.22
CA VAL C 198 -1.11 25.57 -22.86
C VAL C 198 -2.58 25.96 -22.90
N PRO C 199 -3.44 25.14 -22.28
CA PRO C 199 -4.88 25.38 -22.23
C PRO C 199 -5.30 26.83 -21.94
N GLY C 200 -6.07 27.41 -22.86
CA GLY C 200 -6.55 28.77 -22.69
C GLY C 200 -5.77 29.82 -23.44
N ILE C 201 -4.51 29.56 -23.69
CA ILE C 201 -3.67 30.52 -24.39
C ILE C 201 -4.15 30.82 -25.82
N CYS C 202 -4.27 29.79 -26.68
CA CYS C 202 -4.70 30.04 -28.06
C CYS C 202 -5.97 30.90 -28.11
N GLU C 203 -6.97 30.55 -27.28
CA GLU C 203 -8.21 31.29 -27.21
C GLU C 203 -7.94 32.70 -26.72
N ALA C 204 -7.24 32.80 -25.59
CA ALA C 204 -6.89 34.08 -25.00
C ALA C 204 -6.27 35.02 -26.02
N ILE C 205 -5.41 34.50 -26.89
CA ILE C 205 -4.79 35.34 -27.90
C ILE C 205 -5.83 35.75 -28.94
N LYS C 206 -6.65 34.79 -29.38
CA LYS C 206 -7.68 35.09 -30.37
C LYS C 206 -8.53 36.25 -29.87
N GLN C 207 -9.11 36.07 -28.69
CA GLN C 207 -9.96 37.08 -28.06
C GLN C 207 -9.31 38.45 -27.90
N SER C 208 -7.99 38.49 -27.98
CA SER C 208 -7.27 39.75 -27.83
C SER C 208 -7.30 40.59 -29.10
N THR C 209 -7.45 41.90 -28.90
CA THR C 209 -7.49 42.85 -30.01
C THR C 209 -6.08 43.28 -30.36
N ALA C 210 -5.11 42.79 -29.61
CA ALA C 210 -3.72 43.12 -29.84
C ALA C 210 -3.31 42.63 -31.22
N ARG C 211 -2.21 43.17 -31.73
CA ARG C 211 -1.72 42.76 -33.03
C ARG C 211 -0.83 41.55 -32.81
N LYS C 212 -1.11 40.47 -33.52
CA LYS C 212 -0.30 39.27 -33.39
C LYS C 212 0.72 39.14 -34.52
N VAL C 213 2.00 39.16 -34.15
CA VAL C 213 3.08 39.05 -35.12
C VAL C 213 3.83 37.73 -34.91
N TYR C 214 4.10 37.03 -36.00
CA TYR C 214 4.81 35.75 -35.92
C TYR C 214 6.22 35.84 -36.49
N ILE C 215 7.23 35.62 -35.65
CA ILE C 215 8.60 35.68 -36.12
C ILE C 215 8.98 34.31 -36.64
N CYS C 216 8.80 34.11 -37.95
CA CYS C 216 9.10 32.85 -38.57
C CYS C 216 10.57 32.50 -38.44
N ASN C 217 10.86 31.20 -38.41
CA ASN C 217 12.23 30.71 -38.32
C ASN C 217 12.98 31.01 -39.63
N VAL C 218 14.26 31.31 -39.52
CA VAL C 218 15.07 31.61 -40.69
C VAL C 218 15.64 30.31 -41.26
N THR C 220 15.60 25.83 -41.13
CA THR C 220 14.83 24.63 -40.80
C THR C 220 15.72 23.83 -39.84
N GLN C 221 15.11 23.03 -38.97
CA GLN C 221 15.88 22.24 -38.01
C GLN C 221 15.78 20.75 -38.25
N ASN C 222 16.94 20.10 -38.29
CA ASN C 222 17.01 18.68 -38.53
C ASN C 222 16.08 17.88 -37.61
N GLY C 223 15.21 17.08 -38.25
CA GLY C 223 14.28 16.24 -37.50
C GLY C 223 13.04 16.93 -36.97
N GLU C 224 12.90 18.23 -37.24
CA GLU C 224 11.74 18.97 -36.76
C GLU C 224 10.97 19.64 -37.88
N THR C 225 11.67 20.46 -38.66
CA THR C 225 11.03 21.17 -39.76
C THR C 225 11.77 21.04 -41.08
N ASP C 226 12.28 19.83 -41.35
CA ASP C 226 13.01 19.61 -42.59
C ASP C 226 12.16 20.00 -43.79
N GLY C 227 12.75 20.79 -44.68
CA GLY C 227 12.07 21.21 -45.89
C GLY C 227 10.89 22.17 -45.74
N TYR C 228 10.65 22.65 -44.53
CA TYR C 228 9.53 23.57 -44.33
C TYR C 228 9.72 24.93 -45.00
N THR C 229 8.62 25.48 -45.52
CA THR C 229 8.66 26.80 -46.13
C THR C 229 8.11 27.75 -45.07
N ALA C 230 8.16 29.05 -45.34
CA ALA C 230 7.66 30.00 -44.36
C ALA C 230 6.21 29.68 -44.08
N SER C 231 5.45 29.37 -45.14
CA SER C 231 4.03 29.06 -45.00
C SER C 231 3.76 27.77 -44.21
N ASP C 232 4.66 26.79 -44.34
CA ASP C 232 4.50 25.55 -43.62
C ASP C 232 4.55 25.82 -42.11
N HIS C 233 5.39 26.77 -41.71
CA HIS C 233 5.50 27.12 -40.30
C HIS C 233 4.17 27.74 -39.86
N LEU C 234 3.69 28.71 -40.64
CA LEU C 234 2.42 29.37 -40.33
C LEU C 234 1.29 28.35 -40.26
N GLN C 235 1.24 27.47 -41.25
CA GLN C 235 0.24 26.40 -41.33
C GLN C 235 0.21 25.58 -40.04
N ALA C 236 1.38 25.12 -39.61
CA ALA C 236 1.50 24.33 -38.40
C ALA C 236 0.88 25.06 -37.22
N ILE C 237 1.22 26.33 -37.07
CA ILE C 237 0.68 27.12 -35.97
C ILE C 237 -0.83 27.29 -36.07
N ASP C 239 -2.86 24.98 -37.71
CA ASP C 239 -3.46 23.68 -37.46
C ASP C 239 -3.48 23.36 -35.97
N HIS C 240 -2.63 24.02 -35.19
CA HIS C 240 -2.58 23.77 -33.75
C HIS C 240 -3.36 24.76 -32.92
N CYS C 241 -3.12 26.06 -33.16
CA CYS C 241 -3.81 27.12 -32.41
C CYS C 241 -5.05 27.69 -33.12
N GLY C 242 -5.20 27.45 -34.42
CA GLY C 242 -6.34 27.97 -35.16
C GLY C 242 -6.09 29.35 -35.74
N VAL C 243 -7.08 29.90 -36.46
CA VAL C 243 -6.94 31.22 -37.07
C VAL C 243 -7.22 32.34 -36.08
N GLY C 244 -6.66 33.51 -36.33
CA GLY C 244 -6.85 34.63 -35.43
C GLY C 244 -5.76 34.59 -34.37
N ILE C 245 -4.71 33.82 -34.68
CA ILE C 245 -3.59 33.66 -33.77
C ILE C 245 -2.41 34.46 -34.32
N VAL C 246 -2.34 34.55 -35.65
CA VAL C 246 -1.27 35.29 -36.31
C VAL C 246 -1.87 36.32 -37.27
N ASP C 247 -1.47 37.59 -37.13
CA ASP C 247 -1.95 38.65 -38.02
C ASP C 247 -0.97 38.80 -39.18
N ASP C 248 0.29 39.08 -38.83
CA ASP C 248 1.35 39.24 -39.82
C ASP C 248 2.52 38.31 -39.50
N ILE C 249 3.14 37.79 -40.55
CA ILE C 249 4.29 36.92 -40.36
C ILE C 249 5.53 37.72 -40.80
N LEU C 250 6.41 37.95 -39.83
CA LEU C 250 7.64 38.70 -40.07
C LEU C 250 8.73 37.74 -40.54
N VAL C 251 9.10 37.81 -41.82
CA VAL C 251 10.12 36.90 -42.36
C VAL C 251 11.37 37.59 -42.89
N HIS C 252 12.45 36.84 -42.96
CA HIS C 252 13.72 37.34 -43.47
C HIS C 252 13.71 37.10 -44.98
N GLY C 253 13.64 38.17 -45.76
CA GLY C 253 13.61 38.03 -47.20
C GLY C 253 14.95 38.10 -47.90
N GLU C 254 15.92 38.73 -47.24
CA GLU C 254 17.25 38.86 -47.81
C GLU C 254 17.98 37.52 -47.82
N PRO C 255 18.95 37.36 -48.75
CA PRO C 255 19.75 36.14 -48.89
C PRO C 255 20.67 35.86 -47.72
N ILE C 256 21.19 34.64 -47.66
CA ILE C 256 22.11 34.26 -46.61
C ILE C 256 23.42 33.84 -47.26
N SER C 257 24.52 34.38 -46.78
CA SER C 257 25.84 34.07 -47.31
C SER C 257 26.04 32.55 -47.46
N ASP C 258 26.77 32.17 -48.53
CA ASP C 258 27.06 30.76 -48.78
C ASP C 258 27.92 30.28 -47.62
N THR C 259 28.58 31.22 -46.96
CA THR C 259 29.43 30.90 -45.82
C THR C 259 28.54 30.37 -44.71
N VAL C 260 27.65 31.23 -44.22
CA VAL C 260 26.72 30.86 -43.17
C VAL C 260 25.86 29.69 -43.63
N LYS C 261 25.29 29.84 -44.82
CA LYS C 261 24.43 28.83 -45.41
C LYS C 261 25.07 27.43 -45.39
N ALA C 262 26.39 27.39 -45.43
CA ALA C 262 27.12 26.13 -45.44
C ALA C 262 27.41 25.55 -44.06
N LYS C 263 27.78 26.39 -43.10
CA LYS C 263 28.07 25.89 -41.76
C LYS C 263 26.83 25.15 -41.26
N TYR C 264 25.68 25.74 -41.55
CA TYR C 264 24.39 25.18 -41.17
C TYR C 264 24.15 23.88 -41.91
N ALA C 265 24.46 23.86 -43.20
CA ALA C 265 24.28 22.67 -44.01
C ALA C 265 24.81 21.43 -43.28
N LYS C 266 25.90 21.60 -42.53
CA LYS C 266 26.47 20.50 -41.77
C LYS C 266 25.70 20.33 -40.48
N GLU C 267 24.38 20.42 -40.58
CA GLU C 267 23.48 20.28 -39.44
C GLU C 267 22.17 19.78 -40.00
N LYS C 268 22.13 19.62 -41.32
CA LYS C 268 20.92 19.17 -42.01
C LYS C 268 19.86 20.25 -41.86
N ALA C 269 20.33 21.50 -41.93
CA ALA C 269 19.47 22.68 -41.81
C ALA C 269 19.65 23.57 -43.03
N GLU C 270 18.53 23.92 -43.67
CA GLU C 270 18.56 24.80 -44.85
C GLU C 270 17.77 26.06 -44.55
N PRO C 271 17.88 27.06 -45.44
CA PRO C 271 17.13 28.31 -45.21
C PRO C 271 15.64 28.13 -45.47
N VAL C 272 14.84 28.74 -44.62
CA VAL C 272 13.39 28.66 -44.77
C VAL C 272 12.95 29.49 -45.98
N ILE C 273 12.50 28.77 -47.01
CA ILE C 273 12.03 29.41 -48.24
C ILE C 273 10.75 30.19 -47.98
N VAL C 274 10.69 31.43 -48.45
CA VAL C 274 9.52 32.28 -48.24
C VAL C 274 8.57 32.34 -49.44
N ASP C 275 7.44 31.65 -49.34
CA ASP C 275 6.42 31.67 -50.40
C ASP C 275 5.50 32.88 -50.22
N GLU C 276 5.84 33.98 -50.88
CA GLU C 276 5.05 35.20 -50.78
C GLU C 276 3.55 34.92 -50.93
N HIS C 277 3.21 34.17 -51.97
CA HIS C 277 1.81 33.85 -52.25
C HIS C 277 1.09 32.97 -51.23
N LYS C 278 1.52 31.72 -51.08
CA LYS C 278 0.89 30.82 -50.10
C LYS C 278 0.63 31.55 -48.78
N LEU C 279 1.55 32.43 -48.41
CA LEU C 279 1.44 33.20 -47.17
C LEU C 279 0.26 34.16 -47.20
N LYS C 280 0.09 34.88 -48.31
CA LYS C 280 -1.03 35.83 -48.41
C LYS C 280 -2.31 35.01 -48.46
N ALA C 281 -2.22 33.85 -49.11
CA ALA C 281 -3.34 32.94 -49.24
C ALA C 281 -3.85 32.52 -47.86
N LEU C 282 -2.92 32.30 -46.93
CA LEU C 282 -3.29 31.89 -45.58
C LEU C 282 -4.00 33.02 -44.83
N GLY C 283 -3.91 34.24 -45.34
CA GLY C 283 -4.59 35.35 -44.72
C GLY C 283 -3.83 36.21 -43.72
N VAL C 284 -2.52 36.33 -43.88
CA VAL C 284 -1.71 37.13 -42.98
C VAL C 284 -0.95 38.20 -43.76
N GLY C 285 -0.51 39.23 -43.05
CA GLY C 285 0.26 40.28 -43.70
C GLY C 285 1.72 39.87 -43.66
N THR C 286 2.55 40.46 -44.52
CA THR C 286 3.97 40.12 -44.53
C THR C 286 4.91 41.30 -44.32
N ILE C 287 5.86 41.10 -43.42
CA ILE C 287 6.88 42.09 -43.10
C ILE C 287 8.19 41.42 -43.47
N SER C 288 8.72 41.70 -44.66
CA SER C 288 9.97 41.11 -45.09
C SER C 288 11.10 42.13 -45.04
N ASP C 289 12.21 41.76 -44.41
CA ASP C 289 13.36 42.63 -44.27
C ASP C 289 14.63 41.81 -43.95
N TYR C 290 15.70 42.51 -43.59
CA TYR C 290 16.96 41.86 -43.24
C TYR C 290 16.98 41.77 -41.71
N PHE C 291 16.23 40.82 -41.18
CA PHE C 291 16.11 40.63 -39.74
C PHE C 291 17.23 39.87 -39.03
N VAL C 292 17.95 39.02 -39.74
CA VAL C 292 19.03 38.29 -39.07
C VAL C 292 20.37 38.88 -39.45
N LEU C 293 21.42 38.45 -38.76
CA LEU C 293 22.76 38.93 -39.03
C LEU C 293 23.77 37.88 -38.62
N GLU C 294 24.91 37.85 -39.31
CA GLU C 294 25.96 36.86 -39.03
C GLU C 294 26.72 37.16 -37.74
N GLN C 295 26.60 36.27 -36.77
CA GLN C 295 27.30 36.42 -35.49
C GLN C 295 28.33 35.31 -35.36
N ASP C 296 29.37 35.38 -36.18
CA ASP C 296 30.42 34.36 -36.14
C ASP C 296 29.89 33.09 -36.81
N ASP C 297 29.76 33.16 -38.14
CA ASP C 297 29.27 32.05 -38.95
C ASP C 297 27.98 31.40 -38.46
N VAL C 298 27.27 32.09 -37.57
CA VAL C 298 26.01 31.59 -37.05
C VAL C 298 25.02 32.76 -37.13
N LEU C 299 23.75 32.45 -37.36
CA LEU C 299 22.73 33.48 -37.51
C LEU C 299 21.91 33.81 -36.26
N ARG C 300 21.84 35.10 -35.91
CA ARG C 300 21.03 35.51 -34.76
C ARG C 300 19.83 36.29 -35.29
N HIS C 301 19.25 37.19 -34.49
CA HIS C 301 18.05 37.88 -34.95
C HIS C 301 17.98 39.40 -35.01
N ASN C 302 19.04 40.12 -34.64
CA ASN C 302 19.01 41.59 -34.70
C ASN C 302 17.74 42.19 -34.07
N ALA C 303 17.69 42.14 -32.74
CA ALA C 303 16.56 42.68 -31.99
C ALA C 303 16.18 44.06 -32.50
N SER C 304 17.21 44.88 -32.76
CA SER C 304 17.05 46.24 -33.24
C SER C 304 15.91 46.37 -34.24
N LYS C 305 16.10 45.80 -35.42
CA LYS C 305 15.09 45.85 -36.48
C LYS C 305 13.77 45.20 -36.09
N VAL C 306 13.83 43.96 -35.60
CA VAL C 306 12.64 43.24 -35.21
C VAL C 306 11.76 44.07 -34.28
N SER C 307 12.35 44.57 -33.20
CA SER C 307 11.63 45.37 -32.23
C SER C 307 10.98 46.60 -32.87
N GLU C 308 11.62 47.15 -33.90
CA GLU C 308 11.09 48.31 -34.60
C GLU C 308 9.93 47.86 -35.47
N ALA C 309 10.16 46.81 -36.26
CA ALA C 309 9.14 46.27 -37.15
C ALA C 309 7.89 45.82 -36.41
N ILE C 310 8.04 45.34 -35.19
CA ILE C 310 6.89 44.86 -34.43
C ILE C 310 6.12 45.98 -33.72
N LEU C 311 6.83 47.04 -33.35
CA LEU C 311 6.20 48.19 -32.70
C LEU C 311 5.77 49.15 -33.82
N GLU C 312 5.60 48.59 -35.02
CA GLU C 312 5.20 49.32 -36.23
C GLU C 312 6.29 50.23 -36.79
N LYS D 2 33.89 55.86 17.70
CA LYS D 2 35.10 55.25 17.08
C LYS D 2 35.07 53.72 17.08
N LYS D 3 35.25 53.15 15.89
CA LYS D 3 35.24 51.70 15.75
C LYS D 3 36.60 51.08 16.00
N LYS D 4 36.63 50.10 16.91
CA LYS D 4 37.86 49.42 17.24
C LYS D 4 38.12 48.33 16.20
N ASN D 5 39.34 48.22 15.68
CA ASN D 5 39.66 47.19 14.68
C ASN D 5 39.76 45.81 15.33
N VAL D 6 38.94 44.87 14.88
CA VAL D 6 38.99 43.52 15.45
C VAL D 6 39.20 42.44 14.39
N VAL D 7 40.17 41.57 14.63
CA VAL D 7 40.45 40.48 13.73
C VAL D 7 40.08 39.16 14.41
N VAL D 8 39.33 38.33 13.70
CA VAL D 8 38.89 37.06 14.27
C VAL D 8 39.39 35.84 13.51
N PHE D 9 40.02 34.94 14.26
CA PHE D 9 40.56 33.70 13.73
C PHE D 9 39.69 32.59 14.31
N GLY D 10 38.53 32.37 13.74
CA GLY D 10 37.67 31.32 14.27
C GLY D 10 37.42 30.21 13.28
N GLY D 11 36.25 29.59 13.42
CA GLY D 11 35.88 28.50 12.53
C GLY D 11 34.61 27.85 13.01
N GLY D 12 33.89 27.22 12.10
CA GLY D 12 32.66 26.54 12.46
C GLY D 12 31.48 27.44 12.82
N THR D 13 30.45 26.81 13.37
CA THR D 13 29.24 27.52 13.77
C THR D 13 29.51 28.49 14.92
N GLY D 14 30.43 28.12 15.81
CA GLY D 14 30.77 28.98 16.92
C GLY D 14 31.14 30.38 16.47
N LEU D 15 31.98 30.45 15.45
CA LEU D 15 32.42 31.72 14.88
C LEU D 15 31.25 32.51 14.30
N SER D 16 30.34 31.80 13.65
CA SER D 16 29.18 32.44 13.05
C SER D 16 28.28 33.08 14.10
N VAL D 17 28.11 32.41 15.24
CA VAL D 17 27.26 32.93 16.29
C VAL D 17 27.82 34.22 16.86
N LEU D 18 29.13 34.24 17.09
CA LEU D 18 29.77 35.44 17.63
C LEU D 18 29.70 36.59 16.61
N LEU D 19 30.20 36.33 15.40
CA LEU D 19 30.21 37.33 14.34
C LEU D 19 28.87 38.03 14.17
N ARG D 20 27.78 37.26 14.16
CA ARG D 20 26.47 37.85 13.98
C ARG D 20 26.15 38.83 15.11
N GLY D 21 26.77 38.62 16.26
CA GLY D 21 26.53 39.50 17.38
C GLY D 21 27.60 40.58 17.48
N LEU D 22 28.84 40.22 17.16
CA LEU D 22 29.94 41.17 17.22
C LEU D 22 29.70 42.37 16.31
N LYS D 23 29.18 42.10 15.12
CA LYS D 23 28.96 43.14 14.14
C LYS D 23 28.11 44.33 14.56
N THR D 24 27.19 44.12 15.50
CA THR D 24 26.31 45.19 15.93
C THR D 24 26.99 46.19 16.88
N PHE D 25 28.24 45.94 17.21
CA PHE D 25 28.99 46.83 18.10
C PHE D 25 29.85 47.81 17.32
N PRO D 26 30.43 48.81 18.01
CA PRO D 26 31.29 49.81 17.37
C PRO D 26 32.66 49.18 17.12
N VAL D 27 32.68 48.23 16.20
CA VAL D 27 33.90 47.50 15.87
C VAL D 27 34.00 47.41 14.35
N SER D 28 35.21 47.20 13.86
CA SER D 28 35.46 47.08 12.44
C SER D 28 36.07 45.67 12.26
N ILE D 29 35.20 44.71 11.99
CA ILE D 29 35.60 43.30 11.85
C ILE D 29 36.36 42.87 10.58
N THR D 30 37.30 41.95 10.78
CA THR D 30 38.08 41.33 9.71
C THR D 30 38.16 39.89 10.18
N ALA D 31 37.55 38.98 9.44
CA ALA D 31 37.59 37.58 9.83
C ALA D 31 38.37 36.76 8.82
N ILE D 32 39.39 36.08 9.31
CA ILE D 32 40.22 35.21 8.46
C ILE D 32 39.70 33.77 8.66
N VAL D 33 39.22 33.16 7.59
CA VAL D 33 38.64 31.82 7.67
C VAL D 33 39.58 30.69 7.24
N THR D 34 39.57 29.61 8.00
CA THR D 34 40.41 28.46 7.68
C THR D 34 40.00 27.89 6.33
N VAL D 35 40.96 27.34 5.60
CA VAL D 35 40.65 26.71 4.30
C VAL D 35 41.25 25.32 4.29
N ALA D 36 41.16 24.63 5.43
CA ALA D 36 41.70 23.29 5.56
C ALA D 36 40.66 22.19 5.73
N ASP D 37 39.38 22.51 5.57
CA ASP D 37 38.33 21.50 5.71
C ASP D 37 38.26 20.62 4.48
N ASP D 38 37.90 19.35 4.68
CA ASP D 38 37.82 18.40 3.57
C ASP D 38 36.61 17.48 3.73
N GLY D 39 35.65 17.88 4.53
CA GLY D 39 34.47 17.06 4.74
C GLY D 39 33.24 17.56 4.02
N GLY D 40 32.24 16.68 3.90
CA GLY D 40 30.99 17.03 3.26
C GLY D 40 31.03 17.73 1.91
N SER D 41 30.17 18.74 1.78
CA SER D 41 30.05 19.53 0.54
C SER D 41 31.36 20.18 0.09
N SER D 42 32.00 20.92 0.99
CA SER D 42 33.25 21.59 0.64
C SER D 42 34.30 20.58 0.21
N GLY D 43 34.46 19.53 0.99
CA GLY D 43 35.45 18.51 0.66
C GLY D 43 35.29 18.01 -0.76
N ARG D 44 34.04 17.74 -1.15
CA ARG D 44 33.74 17.27 -2.48
C ARG D 44 34.08 18.36 -3.47
N LEU D 45 33.73 19.60 -3.13
CA LEU D 45 34.00 20.70 -4.03
C LEU D 45 35.49 20.98 -4.22
N ARG D 46 36.30 20.88 -3.16
CA ARG D 46 37.72 21.13 -3.36
C ARG D 46 38.39 20.02 -4.13
N LYS D 47 37.97 18.79 -3.92
CA LYS D 47 38.58 17.69 -4.65
C LYS D 47 38.25 17.71 -6.14
N GLU D 48 36.98 17.87 -6.50
CA GLU D 48 36.65 17.85 -7.92
C GLU D 48 36.63 19.17 -8.68
N LEU D 49 36.68 20.29 -7.98
CA LEU D 49 36.69 21.59 -8.66
C LEU D 49 38.02 22.32 -8.50
N ASP D 50 38.93 21.71 -7.74
CA ASP D 50 40.25 22.27 -7.52
C ASP D 50 40.23 23.70 -6.99
N ILE D 51 39.48 23.91 -5.91
CA ILE D 51 39.38 25.23 -5.29
C ILE D 51 39.39 25.04 -3.79
N PRO D 52 39.71 26.09 -3.03
CA PRO D 52 39.73 25.95 -1.57
C PRO D 52 38.31 25.65 -1.05
N PRO D 53 38.18 24.94 0.09
CA PRO D 53 36.86 24.63 0.63
C PRO D 53 36.08 25.91 1.00
N PRO D 54 34.86 26.07 0.44
CA PRO D 54 34.03 27.25 0.70
C PRO D 54 33.12 27.25 1.92
N GLY D 55 32.82 26.09 2.46
CA GLY D 55 31.93 26.00 3.61
C GLY D 55 32.03 27.03 4.72
N ASP D 56 33.17 27.12 5.37
CA ASP D 56 33.34 28.06 6.47
C ASP D 56 33.25 29.50 6.03
N VAL D 57 33.71 29.78 4.81
CA VAL D 57 33.65 31.13 4.27
C VAL D 57 32.18 31.47 4.07
N ARG D 58 31.43 30.55 3.46
CA ARG D 58 30.01 30.78 3.23
C ARG D 58 29.28 31.18 4.51
N ASN D 59 29.56 30.47 5.59
CA ASN D 59 28.91 30.74 6.86
C ASN D 59 29.30 32.08 7.47
N VAL D 60 30.54 32.49 7.28
CA VAL D 60 30.96 33.78 7.83
C VAL D 60 30.29 34.87 7.00
N LEU D 61 30.24 34.66 5.69
CA LEU D 61 29.60 35.62 4.79
C LEU D 61 28.16 35.88 5.20
N VAL D 62 27.40 34.80 5.38
CA VAL D 62 26.01 34.95 5.77
C VAL D 62 25.90 35.65 7.13
N ALA D 63 26.73 35.25 8.07
CA ALA D 63 26.72 35.82 9.40
C ALA D 63 26.95 37.34 9.40
N LEU D 64 27.78 37.82 8.50
CA LEU D 64 28.07 39.25 8.46
C LEU D 64 27.31 39.95 7.33
N SER D 65 26.46 39.20 6.63
CA SER D 65 25.69 39.77 5.53
C SER D 65 24.55 40.65 6.01
N GLU D 66 24.14 41.56 5.12
CA GLU D 66 23.04 42.48 5.38
C GLU D 66 22.11 42.46 4.18
N VAL D 67 21.28 41.42 4.09
CA VAL D 67 20.34 41.29 2.99
C VAL D 67 19.00 40.72 3.48
N GLU D 68 18.02 40.68 2.58
CA GLU D 68 16.71 40.17 2.93
C GLU D 68 16.76 38.70 3.32
N PRO D 69 15.93 38.29 4.31
CA PRO D 69 15.83 36.93 4.82
C PRO D 69 15.74 35.87 3.71
N LEU D 70 14.95 36.16 2.70
CA LEU D 70 14.75 35.25 1.58
C LEU D 70 16.07 34.89 0.88
N LEU D 71 16.87 35.90 0.58
CA LEU D 71 18.16 35.68 -0.09
C LEU D 71 19.14 34.98 0.84
N GLU D 72 19.04 35.27 2.13
CA GLU D 72 19.90 34.64 3.12
C GLU D 72 19.56 33.14 3.11
N GLN D 73 18.28 32.81 2.99
CA GLN D 73 17.86 31.42 2.95
C GLN D 73 18.41 30.76 1.70
N LEU D 74 18.28 31.45 0.58
CA LEU D 74 18.76 30.94 -0.69
C LEU D 74 20.26 30.68 -0.65
N PHE D 75 21.01 31.53 0.05
CA PHE D 75 22.45 31.36 0.12
C PHE D 75 22.80 30.14 0.95
N GLN D 76 22.01 29.88 1.98
CA GLN D 76 22.24 28.76 2.88
C GLN D 76 21.47 27.50 2.44
N HIS D 77 20.87 27.56 1.26
CA HIS D 77 20.10 26.43 0.74
C HIS D 77 20.95 25.20 0.47
N ARG D 78 20.43 24.03 0.81
CA ARG D 78 21.16 22.79 0.60
C ARG D 78 20.24 21.80 -0.12
N PHE D 79 20.75 21.22 -1.20
CA PHE D 79 20.02 20.25 -2.02
C PHE D 79 19.86 18.88 -1.36
N GLU D 80 18.65 18.32 -1.43
CA GLU D 80 18.36 17.01 -0.84
C GLU D 80 18.51 15.84 -1.80
N ASN D 81 18.16 16.04 -3.07
CA ASN D 81 18.28 15.00 -4.09
C ASN D 81 19.29 15.40 -5.15
N GLY D 82 19.42 14.59 -6.19
CA GLY D 82 20.36 14.92 -7.25
C GLY D 82 21.53 13.95 -7.34
N ASN D 83 21.71 13.14 -6.29
CA ASN D 83 22.80 12.15 -6.21
C ASN D 83 23.99 12.57 -7.06
N GLY D 84 24.47 13.78 -6.80
CA GLY D 84 25.60 14.33 -7.53
C GLY D 84 25.45 15.83 -7.39
N LEU D 85 24.38 16.19 -6.69
CA LEU D 85 24.01 17.57 -6.41
C LEU D 85 23.47 17.58 -4.99
N SER D 86 23.30 16.39 -4.44
CA SER D 86 22.77 16.22 -3.08
C SER D 86 23.77 16.58 -1.98
N GLY D 87 23.28 17.27 -0.95
CA GLY D 87 24.14 17.65 0.16
C GLY D 87 24.94 18.92 -0.07
N HIS D 88 24.90 19.43 -1.30
CA HIS D 88 25.63 20.65 -1.63
C HIS D 88 24.91 21.90 -1.19
N SER D 89 25.69 22.86 -0.72
CA SER D 89 25.15 24.14 -0.28
C SER D 89 25.17 25.07 -1.49
N LEU D 90 24.05 25.71 -1.77
CA LEU D 90 23.98 26.62 -2.90
C LEU D 90 25.02 27.73 -2.73
N GLY D 91 25.18 28.20 -1.49
CA GLY D 91 26.17 29.24 -1.23
C GLY D 91 27.56 28.79 -1.62
N ASN D 92 27.87 27.51 -1.37
CA ASN D 92 29.16 26.94 -1.71
C ASN D 92 29.32 27.02 -3.23
N LEU D 93 28.29 26.60 -3.95
CA LEU D 93 28.30 26.60 -5.40
C LEU D 93 28.50 28.02 -5.95
N LEU D 94 27.85 28.99 -5.33
CA LEU D 94 28.00 30.37 -5.76
C LEU D 94 29.48 30.78 -5.69
N LEU D 95 30.11 30.50 -4.55
CA LEU D 95 31.52 30.82 -4.32
C LEU D 95 32.41 30.05 -5.26
N ALA D 96 32.11 28.76 -5.42
CA ALA D 96 32.91 27.93 -6.30
C ALA D 96 32.84 28.54 -7.70
N GLY D 97 31.62 28.89 -8.11
CA GLY D 97 31.41 29.47 -9.41
C GLY D 97 32.12 30.80 -9.52
N THR D 99 34.86 31.87 -7.77
CA THR D 99 36.30 31.70 -7.83
C THR D 99 36.77 31.14 -9.17
N SER D 100 35.89 30.41 -9.83
CA SER D 100 36.22 29.86 -11.14
C SER D 100 36.36 31.02 -12.12
N ILE D 101 35.44 31.97 -12.04
CA ILE D 101 35.43 33.13 -12.91
C ILE D 101 36.64 34.03 -12.65
N THR D 102 36.89 34.34 -11.38
CA THR D 102 38.01 35.20 -10.99
C THR D 102 39.36 34.46 -10.96
N GLY D 103 39.31 33.14 -10.81
CA GLY D 103 40.53 32.34 -10.74
C GLY D 103 41.28 32.67 -9.47
N ASP D 104 40.58 33.35 -8.56
CA ASP D 104 41.13 33.80 -7.29
C ASP D 104 40.06 33.58 -6.22
N PHE D 105 40.35 32.76 -5.21
CA PHE D 105 39.39 32.50 -4.15
C PHE D 105 39.14 33.76 -3.33
N ALA D 106 40.21 34.44 -2.96
CA ALA D 106 40.10 35.66 -2.17
C ALA D 106 39.21 36.66 -2.88
N ARG D 107 39.40 36.81 -4.18
CA ARG D 107 38.63 37.74 -5.00
C ARG D 107 37.18 37.30 -5.12
N GLY D 108 36.96 36.00 -5.26
CA GLY D 108 35.61 35.49 -5.37
C GLY D 108 34.84 35.81 -4.10
N ILE D 109 35.56 35.85 -2.98
CA ILE D 109 34.94 36.15 -1.70
C ILE D 109 34.65 37.65 -1.62
N SER D 110 35.52 38.45 -2.22
CA SER D 110 35.36 39.89 -2.21
C SER D 110 34.06 40.24 -2.92
N GLU D 111 33.82 39.56 -4.04
CA GLU D 111 32.62 39.76 -4.83
C GLU D 111 31.35 39.37 -4.09
N SER D 113 30.96 39.26 -0.84
CA SER D 113 30.77 40.21 0.26
C SER D 113 29.93 41.36 -0.25
N LYS D 114 30.33 41.92 -1.39
CA LYS D 114 29.59 43.03 -1.96
C LYS D 114 28.15 42.62 -2.18
N VAL D 115 27.95 41.55 -2.94
CA VAL D 115 26.60 41.06 -3.22
C VAL D 115 25.78 40.92 -1.93
N LEU D 116 26.38 40.33 -0.91
CA LEU D 116 25.70 40.13 0.38
C LEU D 116 25.75 41.37 1.28
N ASN D 117 26.33 42.45 0.78
CA ASN D 117 26.46 43.68 1.57
C ASN D 117 27.06 43.35 2.94
N VAL D 118 28.19 42.66 2.92
CA VAL D 118 28.86 42.25 4.15
C VAL D 118 29.43 43.43 4.91
N ARG D 119 29.07 43.47 6.18
CA ARG D 119 29.47 44.50 7.14
C ARG D 119 30.83 44.08 7.73
N GLY D 120 31.91 44.38 7.00
CA GLY D 120 33.24 44.03 7.45
C GLY D 120 34.07 43.36 6.35
N LYS D 121 35.22 42.80 6.72
CA LYS D 121 36.07 42.13 5.74
C LYS D 121 36.33 40.67 6.07
N VAL D 122 35.99 39.79 5.13
CA VAL D 122 36.19 38.36 5.29
C VAL D 122 37.28 37.86 4.32
N LEU D 123 38.28 37.18 4.87
CA LEU D 123 39.41 36.70 4.08
C LEU D 123 39.72 35.22 4.28
N PRO D 124 40.23 34.54 3.24
CA PRO D 124 40.55 33.12 3.42
C PRO D 124 41.92 33.08 4.08
N ALA D 125 42.21 32.02 4.82
CA ALA D 125 43.49 31.86 5.49
C ALA D 125 44.57 31.70 4.42
N SER D 126 44.16 31.22 3.26
CA SER D 126 45.09 31.00 2.16
C SER D 126 44.30 30.97 0.87
N ASN D 127 44.89 31.51 -0.19
CA ASN D 127 44.20 31.53 -1.46
C ASN D 127 44.23 30.16 -2.11
N ARG D 128 44.85 29.21 -1.42
CA ARG D 128 44.93 27.85 -1.94
C ARG D 128 44.54 26.85 -0.86
N SER D 129 43.97 25.74 -1.30
CA SER D 129 43.54 24.68 -0.40
C SER D 129 44.67 24.22 0.52
N ILE D 130 44.33 23.90 1.77
CA ILE D 130 45.30 23.45 2.76
C ILE D 130 44.93 22.06 3.28
N ILE D 131 45.95 21.23 3.54
CA ILE D 131 45.72 19.89 4.05
C ILE D 131 46.11 19.83 5.53
N LEU D 132 45.17 19.40 6.37
CA LEU D 132 45.46 19.31 7.80
C LEU D 132 45.86 17.89 8.18
N HIS D 133 46.99 17.76 8.89
CA HIS D 133 47.49 16.46 9.30
C HIS D 133 47.58 16.41 10.81
N GLY D 134 47.42 15.22 11.37
CA GLY D 134 47.52 15.08 12.81
C GLY D 134 48.45 13.96 13.26
N GLU D 135 49.52 14.33 13.96
CA GLU D 135 50.44 13.33 14.49
C GLU D 135 49.80 12.89 15.79
N GLU D 137 49.12 10.49 19.37
CA GLU D 137 49.91 10.23 20.56
C GLU D 137 50.87 9.07 20.32
N ASP D 138 50.40 8.06 19.60
CA ASP D 138 51.22 6.91 19.28
C ASP D 138 51.95 7.12 17.96
N GLY D 139 52.75 8.19 17.91
CA GLY D 139 53.55 8.51 16.74
C GLY D 139 52.98 8.38 15.32
N THR D 140 51.74 7.93 15.18
CA THR D 140 51.14 7.76 13.86
C THR D 140 50.68 9.09 13.23
N ILE D 141 50.41 9.06 11.92
CA ILE D 141 49.97 10.26 11.22
C ILE D 141 48.65 10.04 10.49
N VAL D 142 47.71 10.94 10.68
CA VAL D 142 46.42 10.87 10.03
C VAL D 142 46.28 12.13 9.19
N THR D 143 45.90 11.95 7.93
CA THR D 143 45.77 13.07 7.01
C THR D 143 44.34 13.34 6.60
N GLY D 144 43.99 14.62 6.58
CA GLY D 144 42.65 14.99 6.19
C GLY D 144 41.84 15.46 7.38
N GLU D 145 41.65 16.78 7.45
CA GLU D 145 40.90 17.39 8.54
C GLU D 145 39.75 16.55 9.09
N SER D 146 38.89 16.04 8.22
CA SER D 146 37.74 15.25 8.67
C SER D 146 38.02 13.82 9.13
N SER D 147 39.24 13.34 8.90
CA SER D 147 39.61 11.98 9.29
C SER D 147 40.34 11.93 10.62
N ILE D 148 40.86 13.07 11.05
CA ILE D 148 41.59 13.15 12.31
C ILE D 148 40.75 12.74 13.53
N PRO D 149 39.55 13.31 13.68
CA PRO D 149 38.71 12.94 14.83
C PRO D 149 38.22 11.51 14.72
N LYS D 150 38.00 11.08 13.48
CA LYS D 150 37.51 9.74 13.22
C LYS D 150 38.53 8.62 13.47
N ALA D 151 39.75 8.97 13.85
CA ALA D 151 40.77 7.96 14.11
C ALA D 151 40.66 7.37 15.50
N GLY D 152 39.85 7.99 16.36
CA GLY D 152 39.70 7.46 17.71
C GLY D 152 40.91 7.65 18.61
N LYS D 153 42.09 7.87 18.02
CA LYS D 153 43.32 8.07 18.79
C LYS D 153 43.44 9.47 19.41
N LYS D 154 44.48 9.68 20.22
CA LYS D 154 44.71 10.95 20.88
C LYS D 154 45.66 11.83 20.07
N ILE D 155 45.34 13.11 19.96
CA ILE D 155 46.18 14.03 19.19
C ILE D 155 47.36 14.60 19.99
N LYS D 156 48.52 14.57 19.36
CA LYS D 156 49.74 15.06 19.95
C LYS D 156 50.01 16.44 19.36
N ARG D 157 49.82 16.55 18.06
CA ARG D 157 50.07 17.79 17.34
C ARG D 157 49.42 17.76 15.96
N VAL D 158 49.32 18.92 15.32
CA VAL D 158 48.78 19.00 13.97
C VAL D 158 49.70 19.90 13.15
N PHE D 159 49.68 19.71 11.83
CA PHE D 159 50.48 20.54 10.95
C PHE D 159 49.85 20.68 9.57
N LEU D 160 50.26 21.72 8.86
CA LEU D 160 49.73 21.99 7.54
C LEU D 160 50.64 21.54 6.39
N THR D 161 50.07 21.50 5.19
CA THR D 161 50.76 21.11 3.98
C THR D 161 49.98 21.73 2.84
N PRO D 162 50.67 22.29 1.84
CA PRO D 162 52.13 22.36 1.73
C PRO D 162 52.76 23.37 2.68
N LYS D 163 54.04 23.17 2.97
CA LYS D 163 54.78 24.05 3.85
C LYS D 163 54.85 25.47 3.30
N ASP D 164 54.86 25.62 1.97
CA ASP D 164 54.95 26.93 1.35
C ASP D 164 53.62 27.71 1.27
N THR D 165 52.60 27.19 1.95
CA THR D 165 51.29 27.83 2.00
C THR D 165 51.50 29.29 2.37
N LYS D 166 50.73 30.20 1.78
CA LYS D 166 50.91 31.61 2.07
C LYS D 166 49.62 32.35 2.39
N PRO D 167 49.67 33.26 3.38
CA PRO D 167 48.52 34.06 3.79
C PRO D 167 48.37 35.22 2.82
N LEU D 168 47.25 35.92 2.88
CA LEU D 168 47.06 37.06 2.00
C LEU D 168 47.76 38.25 2.63
N ARG D 169 48.25 39.16 1.80
CA ARG D 169 48.91 40.34 2.33
C ARG D 169 47.86 41.10 3.15
N GLU D 170 46.61 41.06 2.69
CA GLU D 170 45.49 41.74 3.35
C GLU D 170 45.32 41.20 4.77
N GLY D 171 45.52 39.89 4.91
CA GLY D 171 45.40 39.26 6.21
C GLY D 171 46.50 39.76 7.15
N LEU D 172 47.74 39.70 6.69
CA LEU D 172 48.87 40.17 7.49
C LEU D 172 48.63 41.64 7.87
N GLU D 173 48.14 42.41 6.90
CA GLU D 173 47.85 43.83 7.10
C GLU D 173 46.80 44.09 8.19
N ALA D 174 45.76 43.27 8.25
CA ALA D 174 44.70 43.44 9.24
C ALA D 174 45.24 43.10 10.64
N ILE D 175 46.11 42.11 10.71
CA ILE D 175 46.69 41.73 11.99
C ILE D 175 47.54 42.87 12.53
N ARG D 176 48.20 43.57 11.62
CA ARG D 176 49.08 44.68 12.00
C ARG D 176 48.27 45.81 12.61
N LYS D 177 47.29 46.29 11.86
CA LYS D 177 46.45 47.40 12.28
C LYS D 177 45.41 47.02 13.36
N ALA D 178 45.40 45.74 13.71
CA ALA D 178 44.45 45.22 14.70
C ALA D 178 44.53 45.88 16.08
N ASP D 179 43.38 46.08 16.71
CA ASP D 179 43.31 46.64 18.06
C ASP D 179 43.06 45.48 19.00
N VAL D 180 42.44 44.43 18.46
CA VAL D 180 42.15 43.24 19.22
C VAL D 180 42.15 42.06 18.26
N ILE D 181 42.72 40.95 18.71
CA ILE D 181 42.77 39.73 17.92
C ILE D 181 42.03 38.64 18.71
N VAL D 182 41.00 38.08 18.10
CA VAL D 182 40.23 37.05 18.76
C VAL D 182 40.54 35.67 18.20
N ILE D 183 41.06 34.80 19.06
CA ILE D 183 41.39 33.44 18.65
C ILE D 183 40.22 32.56 19.03
N GLY D 184 39.42 32.15 18.04
CA GLY D 184 38.27 31.32 18.33
C GLY D 184 37.00 32.13 18.15
N PRO D 185 35.84 31.53 18.41
CA PRO D 185 35.68 30.15 18.87
C PRO D 185 35.80 29.13 17.71
N GLY D 186 35.73 27.84 18.05
CA GLY D 186 35.83 26.78 17.04
C GLY D 186 36.63 25.59 17.52
N SER D 187 36.57 24.49 16.77
CA SER D 187 37.30 23.28 17.11
C SER D 187 38.76 23.68 17.29
N LEU D 188 39.39 23.21 18.36
CA LEU D 188 40.79 23.54 18.63
C LEU D 188 41.75 23.03 17.57
N TYR D 189 41.73 21.72 17.34
CA TYR D 189 42.62 21.09 16.40
C TYR D 189 42.19 21.09 14.94
N THR D 190 40.93 21.40 14.65
CA THR D 190 40.49 21.39 13.26
C THR D 190 39.99 22.72 12.70
N SER D 191 39.96 23.77 13.52
CA SER D 191 39.50 25.06 13.02
C SER D 191 40.41 26.19 13.41
N VAL D 192 40.68 26.31 14.70
CA VAL D 192 41.54 27.37 15.19
C VAL D 192 43.00 27.18 14.79
N LEU D 193 43.59 26.06 15.19
CA LEU D 193 44.98 25.77 14.87
C LEU D 193 45.29 25.71 13.37
N PRO D 194 44.43 25.10 12.56
CA PRO D 194 44.79 25.09 11.14
C PRO D 194 44.65 26.48 10.51
N ASN D 195 44.20 27.43 11.32
CA ASN D 195 44.03 28.80 10.87
C ASN D 195 45.30 29.56 11.28
N LEU D 196 45.75 29.30 12.50
CA LEU D 196 46.94 29.95 13.03
C LEU D 196 48.26 29.45 12.44
N LEU D 197 48.30 28.17 12.08
CA LEU D 197 49.52 27.59 11.54
C LEU D 197 49.98 28.06 10.16
N VAL D 198 49.18 28.88 9.49
CA VAL D 198 49.56 29.40 8.17
C VAL D 198 50.79 30.29 8.41
N PRO D 199 51.92 29.93 7.77
CA PRO D 199 53.22 30.62 7.85
C PRO D 199 53.14 32.14 7.90
N GLY D 200 53.67 32.72 8.96
CA GLY D 200 53.67 34.16 9.11
C GLY D 200 52.58 34.65 10.05
N ILE D 201 51.56 33.84 10.25
CA ILE D 201 50.46 34.21 11.11
C ILE D 201 50.84 34.30 12.58
N CYS D 202 51.37 33.24 13.18
CA CYS D 202 51.75 33.34 14.60
C CYS D 202 52.67 34.54 14.83
N GLU D 203 53.70 34.65 13.98
CA GLU D 203 54.66 35.73 14.08
C GLU D 203 53.96 37.06 13.98
N ALA D 204 53.05 37.19 13.02
CA ALA D 204 52.32 38.43 12.83
C ALA D 204 51.52 38.80 14.06
N ILE D 205 50.94 37.80 14.71
CA ILE D 205 50.14 38.04 15.90
C ILE D 205 51.00 38.40 17.11
N LYS D 206 52.11 37.70 17.31
CA LYS D 206 52.98 38.01 18.44
C LYS D 206 53.42 39.46 18.30
N GLN D 207 53.94 39.79 17.12
CA GLN D 207 54.41 41.14 16.84
C GLN D 207 53.34 42.20 17.01
N SER D 208 52.09 41.83 16.80
CA SER D 208 50.99 42.79 16.93
C SER D 208 50.89 43.34 18.35
N THR D 209 50.58 44.63 18.45
CA THR D 209 50.43 45.26 19.75
C THR D 209 48.98 45.17 20.24
N ALA D 210 48.16 44.45 19.49
CA ALA D 210 46.77 44.31 19.85
C ALA D 210 46.62 43.31 20.97
N ARG D 211 45.54 43.45 21.73
CA ARG D 211 45.25 42.54 22.83
C ARG D 211 44.74 41.26 22.21
N LYS D 212 45.27 40.11 22.64
CA LYS D 212 44.86 38.83 22.10
C LYS D 212 44.00 38.04 23.08
N VAL D 213 42.77 37.74 22.68
CA VAL D 213 41.88 36.99 23.54
C VAL D 213 41.52 35.66 22.93
N TYR D 214 41.68 34.61 23.72
CA TYR D 214 41.37 33.27 23.27
C TYR D 214 40.05 32.82 23.88
N ILE D 215 39.06 32.56 23.03
CA ILE D 215 37.78 32.11 23.51
C ILE D 215 37.85 30.59 23.52
N CYS D 216 38.05 30.04 24.71
CA CYS D 216 38.18 28.61 24.91
C CYS D 216 36.86 27.87 24.63
N ASN D 217 36.98 26.59 24.33
CA ASN D 217 35.80 25.77 24.05
C ASN D 217 35.06 25.43 25.32
N VAL D 218 33.74 25.47 25.24
CA VAL D 218 32.92 25.15 26.39
C VAL D 218 32.76 23.63 26.49
N THR D 220 34.15 19.61 24.98
CA THR D 220 35.20 18.84 24.33
C THR D 220 34.55 18.18 23.12
N GLN D 221 35.38 17.78 22.17
CA GLN D 221 34.88 17.13 20.96
C GLN D 221 35.46 15.73 20.89
N ASN D 222 34.62 14.75 20.68
CA ASN D 222 35.10 13.37 20.61
C ASN D 222 36.10 13.18 19.48
N GLY D 223 37.24 12.58 19.83
CA GLY D 223 38.29 12.32 18.87
C GLY D 223 39.26 13.46 18.68
N GLU D 224 39.01 14.58 19.36
CA GLU D 224 39.87 15.75 19.23
C GLU D 224 40.43 16.27 20.55
N THR D 225 39.55 16.53 21.51
CA THR D 225 39.98 17.05 22.81
C THR D 225 39.36 16.31 23.98
N ASP D 226 39.25 14.99 23.86
CA ASP D 226 38.68 14.17 24.93
C ASP D 226 39.43 14.40 26.23
N GLY D 227 38.72 14.86 27.25
CA GLY D 227 39.32 15.09 28.54
C GLY D 227 40.02 16.42 28.74
N TYR D 228 40.24 17.16 27.68
CA TYR D 228 40.92 18.45 27.79
C TYR D 228 40.24 19.45 28.74
N THR D 229 41.07 20.23 29.42
CA THR D 229 40.55 21.25 30.31
C THR D 229 40.84 22.59 29.66
N ALA D 230 40.50 23.68 30.34
CA ALA D 230 40.75 24.98 29.76
C ALA D 230 42.23 25.07 29.46
N SER D 231 43.06 24.72 30.44
CA SER D 231 44.51 24.79 30.25
C SER D 231 45.01 23.85 29.16
N ASP D 232 44.43 22.67 29.04
CA ASP D 232 44.88 21.75 27.99
C ASP D 232 44.70 22.39 26.62
N HIS D 233 43.66 23.19 26.47
CA HIS D 233 43.42 23.88 25.21
C HIS D 233 44.50 24.95 25.03
N LEU D 234 44.61 25.86 26.00
CA LEU D 234 45.61 26.93 25.94
C LEU D 234 46.99 26.33 25.68
N GLN D 235 47.25 25.19 26.30
CA GLN D 235 48.52 24.48 26.16
C GLN D 235 48.75 24.17 24.69
N ALA D 236 47.82 23.45 24.08
CA ALA D 236 47.96 23.08 22.67
C ALA D 236 48.31 24.31 21.85
N ILE D 237 47.56 25.39 22.06
CA ILE D 237 47.81 26.61 21.32
C ILE D 237 49.24 27.08 21.50
N ASP D 239 51.77 25.40 22.50
CA ASP D 239 52.71 24.41 21.98
C ASP D 239 52.77 24.45 20.46
N HIS D 240 51.80 25.11 19.82
CA HIS D 240 51.79 25.19 18.35
C HIS D 240 52.21 26.55 17.82
N CYS D 241 51.78 27.62 18.46
CA CYS D 241 52.11 28.98 18.02
C CYS D 241 53.17 29.67 18.87
N GLY D 242 53.40 29.17 20.08
CA GLY D 242 54.39 29.79 20.95
C GLY D 242 53.75 30.80 21.91
N VAL D 243 54.53 31.36 22.82
CA VAL D 243 53.96 32.32 23.77
C VAL D 243 53.82 33.71 23.13
N GLY D 244 52.92 34.52 23.69
CA GLY D 244 52.69 35.86 23.18
C GLY D 244 51.56 35.93 22.17
N ILE D 245 50.92 34.78 21.97
CA ILE D 245 49.81 34.65 21.03
C ILE D 245 48.47 34.95 21.71
N VAL D 246 48.38 34.57 22.99
CA VAL D 246 47.17 34.77 23.78
C VAL D 246 47.49 35.56 25.05
N ASP D 247 46.80 36.68 25.25
CA ASP D 247 47.04 37.50 26.44
C ASP D 247 46.08 37.07 27.55
N ASP D 248 44.78 37.14 27.27
CA ASP D 248 43.77 36.74 28.25
C ASP D 248 42.97 35.63 27.64
N ILE D 249 42.39 34.79 28.49
CA ILE D 249 41.56 33.69 28.00
C ILE D 249 40.16 33.87 28.55
N LEU D 250 39.18 33.81 27.66
CA LEU D 250 37.79 33.97 28.06
C LEU D 250 37.19 32.59 28.25
N VAL D 251 36.75 32.31 29.47
CA VAL D 251 36.15 31.02 29.77
C VAL D 251 34.79 31.15 30.45
N HIS D 252 33.90 30.21 30.17
CA HIS D 252 32.59 30.21 30.80
C HIS D 252 32.78 29.50 32.15
N GLY D 253 32.75 30.26 33.23
CA GLY D 253 32.97 29.70 34.56
C GLY D 253 31.78 29.20 35.35
N GLU D 254 30.58 29.24 34.78
CA GLU D 254 29.39 28.77 35.48
C GLU D 254 29.08 27.33 35.06
N PRO D 255 28.15 26.66 35.76
CA PRO D 255 27.79 25.28 35.42
C PRO D 255 26.85 25.16 34.22
N ILE D 256 26.83 23.99 33.60
CA ILE D 256 25.95 23.76 32.46
C ILE D 256 24.81 22.88 32.97
N SER D 257 23.59 23.12 32.47
CA SER D 257 22.44 22.32 32.91
C SER D 257 22.71 20.84 32.63
N ASP D 258 22.32 19.97 33.56
CA ASP D 258 22.54 18.54 33.41
C ASP D 258 21.89 18.01 32.13
N THR D 259 20.86 18.72 31.68
CA THR D 259 20.13 18.40 30.46
C THR D 259 21.06 18.49 29.24
N VAL D 260 21.72 19.64 29.10
CA VAL D 260 22.66 19.87 28.01
C VAL D 260 23.80 18.86 28.17
N LYS D 261 24.33 18.80 29.39
CA LYS D 261 25.43 17.90 29.72
C LYS D 261 25.10 16.52 29.15
N ALA D 262 23.87 16.10 29.40
CA ALA D 262 23.38 14.81 28.95
C ALA D 262 23.37 14.70 27.43
N LYS D 263 22.79 15.68 26.76
CA LYS D 263 22.74 15.61 25.32
C LYS D 263 24.14 15.51 24.74
N TYR D 264 25.06 16.36 25.20
CA TYR D 264 26.44 16.35 24.71
C TYR D 264 27.18 15.07 25.05
N ALA D 265 26.76 14.41 26.13
CA ALA D 265 27.41 13.17 26.55
C ALA D 265 27.12 12.04 25.57
N LYS D 266 25.94 12.08 24.95
CA LYS D 266 25.57 11.06 23.98
C LYS D 266 26.26 11.35 22.66
N GLU D 267 27.37 12.06 22.73
CA GLU D 267 28.14 12.42 21.56
C GLU D 267 29.60 12.44 21.99
N LYS D 268 29.84 11.84 23.15
CA LYS D 268 31.16 11.74 23.76
C LYS D 268 31.80 13.11 23.96
N ALA D 269 30.97 14.10 24.28
CA ALA D 269 31.42 15.46 24.52
C ALA D 269 31.18 15.77 25.98
N GLU D 270 32.16 16.39 26.64
CA GLU D 270 32.01 16.73 28.05
C GLU D 270 32.36 18.18 28.29
N PRO D 271 31.86 18.75 29.38
CA PRO D 271 32.18 20.14 29.67
C PRO D 271 33.68 20.25 29.91
N VAL D 272 34.27 21.31 29.38
CA VAL D 272 35.69 21.57 29.53
C VAL D 272 35.90 22.19 30.91
N ILE D 273 36.50 21.42 31.81
CA ILE D 273 36.77 21.91 33.15
C ILE D 273 37.68 23.13 33.10
N VAL D 274 37.25 24.19 33.77
CA VAL D 274 38.01 25.43 33.79
C VAL D 274 38.90 25.48 35.03
N ASP D 275 40.18 25.18 34.84
CA ASP D 275 41.16 25.20 35.94
C ASP D 275 41.83 26.57 36.13
N GLU D 276 41.13 27.48 36.83
CA GLU D 276 41.62 28.84 37.10
C GLU D 276 43.11 28.96 37.46
N HIS D 277 43.60 28.05 38.30
CA HIS D 277 45.00 28.10 38.71
C HIS D 277 45.97 27.74 37.58
N LYS D 278 45.80 26.55 37.01
CA LYS D 278 46.66 26.09 35.93
C LYS D 278 46.64 27.08 34.77
N LEU D 279 45.50 27.75 34.59
CA LEU D 279 45.30 28.72 33.54
C LEU D 279 46.16 29.95 33.80
N LYS D 280 45.97 30.56 34.96
CA LYS D 280 46.75 31.75 35.31
C LYS D 280 48.25 31.44 35.38
N ALA D 281 48.57 30.18 35.68
CA ALA D 281 49.95 29.76 35.79
C ALA D 281 50.63 29.68 34.44
N LEU D 282 49.87 29.83 33.37
CA LEU D 282 50.46 29.77 32.03
C LEU D 282 50.87 31.18 31.60
N GLY D 283 50.69 32.12 32.51
CA GLY D 283 51.07 33.49 32.24
C GLY D 283 50.02 34.34 31.55
N VAL D 284 48.78 33.87 31.46
CA VAL D 284 47.73 34.66 30.79
C VAL D 284 46.69 35.19 31.77
N GLY D 285 45.86 36.10 31.27
CA GLY D 285 44.80 36.65 32.11
C GLY D 285 43.54 35.85 31.91
N THR D 286 42.60 35.97 32.85
CA THR D 286 41.35 35.25 32.77
C THR D 286 40.15 36.17 32.75
N ILE D 287 39.19 35.85 31.89
CA ILE D 287 37.94 36.59 31.76
C ILE D 287 36.87 35.53 31.98
N SER D 288 36.44 35.34 33.23
CA SER D 288 35.45 34.32 33.56
C SER D 288 34.07 34.90 33.87
N ASP D 289 33.04 34.37 33.23
CA ASP D 289 31.67 34.85 33.43
C ASP D 289 30.69 33.86 32.82
N TYR D 290 29.41 34.21 32.82
CA TYR D 290 28.38 33.35 32.22
C TYR D 290 28.34 33.75 30.75
N PHE D 291 29.15 33.08 29.93
CA PHE D 291 29.23 33.39 28.51
C PHE D 291 28.44 32.53 27.53
N VAL D 292 27.65 31.58 28.02
CA VAL D 292 26.88 30.76 27.10
C VAL D 292 25.38 30.89 27.30
N LEU D 293 24.63 30.09 26.56
CA LEU D 293 23.18 30.07 26.66
C LEU D 293 22.68 28.90 25.79
N GLU D 294 21.53 28.35 26.17
CA GLU D 294 20.94 27.22 25.45
C GLU D 294 20.10 27.60 24.23
N GLN D 295 20.24 26.81 23.18
CA GLN D 295 19.50 27.01 21.94
C GLN D 295 18.88 25.67 21.56
N ASP D 296 17.88 25.25 22.33
CA ASP D 296 17.22 23.97 22.08
C ASP D 296 18.19 22.83 22.42
N ASP D 297 18.71 22.89 23.64
CA ASP D 297 19.65 21.89 24.16
C ASP D 297 21.04 21.92 23.52
N VAL D 298 21.31 22.94 22.72
CA VAL D 298 22.63 23.08 22.10
C VAL D 298 23.27 24.31 22.77
N LEU D 299 24.57 24.22 23.01
CA LEU D 299 25.28 25.31 23.69
C LEU D 299 25.97 26.31 22.76
N ARG D 300 25.37 27.48 22.57
CA ARG D 300 25.97 28.50 21.73
C ARG D 300 26.80 29.44 22.61
N HIS D 301 27.30 30.53 22.05
CA HIS D 301 28.14 31.43 22.83
C HIS D 301 27.66 32.82 23.25
N ASN D 302 26.41 33.16 23.01
CA ASN D 302 25.93 34.48 23.43
C ASN D 302 26.89 35.64 23.04
N ALA D 303 26.92 35.96 21.76
CA ALA D 303 27.79 36.99 21.22
C ALA D 303 27.83 38.30 22.00
N SER D 304 26.69 38.75 22.52
CA SER D 304 26.65 40.01 23.27
C SER D 304 27.59 40.06 24.45
N LYS D 305 27.34 39.20 25.43
CA LYS D 305 28.16 39.15 26.62
C LYS D 305 29.62 38.96 26.25
N VAL D 306 29.88 38.16 25.22
CA VAL D 306 31.25 37.92 24.78
C VAL D 306 31.85 39.17 24.13
N SER D 307 31.17 39.72 23.13
CA SER D 307 31.64 40.91 22.43
C SER D 307 31.95 42.04 23.40
N GLU D 308 31.03 42.29 24.32
CA GLU D 308 31.21 43.33 25.32
C GLU D 308 32.49 43.08 26.10
N ALA D 309 32.68 41.85 26.53
CA ALA D 309 33.84 41.45 27.32
C ALA D 309 35.19 41.66 26.62
N ILE D 310 35.33 41.17 25.39
CA ILE D 310 36.62 41.30 24.69
C ILE D 310 36.94 42.73 24.30
N LEU D 311 35.91 43.54 24.04
CA LEU D 311 36.13 44.94 23.67
C LEU D 311 36.44 45.73 24.93
N GLU D 312 36.96 45.01 25.92
CA GLU D 312 37.32 45.55 27.23
C GLU D 312 36.10 46.03 27.99
#